data_8AD4
#
_entry.id   8AD4
#
_cell.length_a   72.200
_cell.length_b   89.380
_cell.length_c   95.210
_cell.angle_alpha   90.000
_cell.angle_beta   90.000
_cell.angle_gamma   90.000
#
_symmetry.space_group_name_H-M   'P 21 21 21'
#
loop_
_entity.id
_entity.type
_entity.pdbx_description
1 polymer 'Na(+)-translocating NADH-quinone reductase subunit F'
2 non-polymer 'FLAVIN-ADENINE DINUCLEOTIDE'
3 non-polymer '1,4-DIHYDRONICOTINAMIDE ADENINE DINUCLEOTIDE'
4 non-polymer 'SODIUM ION'
5 non-polymer 'SULFATE ION'
6 water water
#
_entity_poly.entity_id   1
_entity_poly.type   'polypeptide(L)'
_entity_poly.pdbx_seq_one_letter_code
;GSHMVKKWECTVISNDNKATFIKELKLAIPDGESVPFRAGGYIQIEAPAHHVKYADFDVPEKYRGDWDKFNLFRYESKVD
EPIIRAYSMANYPEEFGIIMLNVRIATPPPNNPNVPPGQMSSYIWSLKAGDKCTISGPFGEFFAKDTDAEMVFIGGGAGM
APMRSHIFDQLKRLKSKRKMSYWYGARSKREMFYVEDFDGLAAENDNFVWHCALSDPQPEDNWTGYTGFIHNVLYENYLK
DHEAPEDCEYYMCGPPMMNAAVINMLKNLGVEEENILLDDFGG
;
_entity_poly.pdbx_strand_id   A,B
#
loop_
_chem_comp.id
_chem_comp.type
_chem_comp.name
_chem_comp.formula
FAD non-polymer 'FLAVIN-ADENINE DINUCLEOTIDE' 'C27 H33 N9 O15 P2'
NA non-polymer 'SODIUM ION' 'Na 1'
NAI non-polymer '1,4-DIHYDRONICOTINAMIDE ADENINE DINUCLEOTIDE' 'C21 H29 N7 O14 P2'
SO4 non-polymer 'SULFATE ION' 'O4 S -2'
#
# COMPACT_ATOMS: atom_id res chain seq x y z
N MET A 4 2.70 5.32 -27.60
CA MET A 4 1.72 4.23 -27.77
C MET A 4 1.95 3.09 -26.76
N VAL A 5 2.14 1.85 -27.21
CA VAL A 5 2.31 0.75 -26.26
C VAL A 5 3.67 0.87 -25.59
N LYS A 6 3.66 1.01 -24.30
CA LYS A 6 4.85 1.05 -23.49
C LYS A 6 4.89 -0.23 -22.66
N LYS A 7 6.08 -0.57 -22.18
CA LYS A 7 6.35 -1.69 -21.30
C LYS A 7 7.01 -1.17 -20.04
N TRP A 8 6.60 -1.71 -18.90
CA TRP A 8 7.20 -1.40 -17.61
C TRP A 8 7.61 -2.67 -16.87
N GLU A 9 8.88 -2.71 -16.42
CA GLU A 9 9.33 -3.76 -15.52
C GLU A 9 9.03 -3.31 -14.10
N CYS A 10 7.94 -3.82 -13.54
CA CYS A 10 7.43 -3.39 -12.26
C CYS A 10 7.98 -4.21 -11.14
N THR A 11 7.84 -3.71 -9.94
CA THR A 11 8.19 -4.40 -8.71
C THR A 11 6.92 -4.72 -7.93
N VAL A 12 6.78 -5.98 -7.52
CA VAL A 12 5.61 -6.36 -6.75
C VAL A 12 5.66 -5.73 -5.35
N ILE A 13 4.65 -4.93 -5.03
CA ILE A 13 4.47 -4.39 -3.69
C ILE A 13 3.87 -5.44 -2.73
N SER A 14 2.78 -6.07 -3.17
CA SER A 14 2.08 -7.07 -2.36
C SER A 14 1.27 -7.94 -3.31
N ASN A 15 0.86 -9.09 -2.82
CA ASN A 15 0.11 -10.04 -3.62
C ASN A 15 -0.75 -10.89 -2.68
N ASP A 16 -1.60 -10.21 -1.93
CA ASP A 16 -2.37 -10.84 -0.89
C ASP A 16 -3.71 -11.35 -1.40
N ASN A 17 -4.18 -12.44 -0.79
CA ASN A 17 -5.54 -12.90 -1.03
C ASN A 17 -6.52 -11.86 -0.54
N LYS A 18 -7.54 -11.63 -1.35
CA LYS A 18 -8.72 -10.85 -1.01
C LYS A 18 -9.95 -11.73 -0.86
N ALA A 19 -9.88 -12.93 -1.41
CA ALA A 19 -10.91 -13.94 -1.36
C ALA A 19 -10.19 -15.30 -1.42
N THR A 20 -10.95 -16.39 -1.30
CA THR A 20 -10.33 -17.70 -1.32
C THR A 20 -9.51 -17.88 -2.59
N PHE A 21 -10.03 -17.43 -3.72
CA PHE A 21 -9.44 -17.68 -5.01
C PHE A 21 -9.11 -16.42 -5.79
N ILE A 22 -8.98 -15.28 -5.12
CA ILE A 22 -8.56 -14.03 -5.76
C ILE A 22 -7.39 -13.40 -5.00
N LYS A 23 -6.31 -13.05 -5.73
CA LYS A 23 -5.24 -12.25 -5.18
C LYS A 23 -5.30 -10.83 -5.74
N GLU A 24 -4.96 -9.86 -4.90
CA GLU A 24 -4.80 -8.46 -5.35
C GLU A 24 -3.30 -8.29 -5.60
N LEU A 25 -2.90 -8.28 -6.86
CA LEU A 25 -1.52 -8.00 -7.22
C LEU A 25 -1.32 -6.50 -7.30
N LYS A 26 -0.46 -5.94 -6.46
CA LYS A 26 -0.12 -4.53 -6.47
C LYS A 26 1.29 -4.37 -6.98
N LEU A 27 1.44 -3.53 -7.99
CA LEU A 27 2.70 -3.32 -8.72
C LEU A 27 3.10 -1.86 -8.64
N ALA A 28 4.38 -1.64 -8.37
CA ALA A 28 4.97 -0.31 -8.39
C ALA A 28 5.55 -0.06 -9.77
N ILE A 29 5.16 1.06 -10.38
CA ILE A 29 5.68 1.44 -11.69
C ILE A 29 7.07 2.05 -11.54
N PRO A 30 8.03 1.70 -12.40
CA PRO A 30 9.38 2.23 -12.23
C PRO A 30 9.41 3.75 -12.32
N ASP A 31 10.30 4.36 -11.51
CA ASP A 31 10.43 5.82 -11.42
C ASP A 31 9.18 6.52 -10.91
N GLY A 32 8.27 5.79 -10.28
CA GLY A 32 7.05 6.38 -9.74
C GLY A 32 6.17 6.98 -10.82
N GLU A 33 6.42 6.60 -12.10
CA GLU A 33 5.54 7.08 -13.15
C GLU A 33 4.20 6.34 -13.07
N SER A 34 3.22 6.86 -13.81
CA SER A 34 1.87 6.31 -13.85
C SER A 34 1.54 5.84 -15.24
N VAL A 35 0.80 4.73 -15.29
CA VAL A 35 0.26 4.23 -16.57
C VAL A 35 -0.87 5.14 -17.00
N PRO A 36 -0.91 5.63 -18.23
CA PRO A 36 -1.97 6.60 -18.65
C PRO A 36 -3.26 5.91 -19.13
N PHE A 37 -3.85 5.12 -18.21
CA PHE A 37 -4.99 4.29 -18.56
C PHE A 37 -6.31 5.02 -18.29
N ARG A 38 -7.40 4.40 -18.80
CA ARG A 38 -8.77 4.77 -18.51
C ARG A 38 -9.42 3.67 -17.68
N ALA A 39 -10.27 4.11 -16.74
CA ALA A 39 -11.04 3.16 -15.93
C ALA A 39 -11.85 2.23 -16.83
N GLY A 40 -11.76 0.92 -16.51
CA GLY A 40 -12.29 -0.15 -17.33
C GLY A 40 -11.27 -0.79 -18.25
N GLY A 41 -10.13 -0.14 -18.37
CA GLY A 41 -9.07 -0.59 -19.24
C GLY A 41 -8.24 -1.72 -18.59
N TYR A 42 -7.25 -2.17 -19.36
CA TYR A 42 -6.44 -3.31 -18.94
C TYR A 42 -5.00 -3.11 -19.35
N ILE A 43 -4.12 -3.86 -18.69
CA ILE A 43 -2.76 -4.07 -19.18
C ILE A 43 -2.58 -5.57 -19.58
N GLN A 44 -1.45 -5.90 -20.17
CA GLN A 44 -1.01 -7.26 -20.37
C GLN A 44 0.14 -7.53 -19.43
N ILE A 45 0.13 -8.71 -18.80
CA ILE A 45 1.26 -9.22 -18.05
C ILE A 45 1.89 -10.26 -18.91
N GLU A 46 3.21 -10.31 -18.95
CA GLU A 46 3.94 -11.35 -19.65
C GLU A 46 4.83 -12.06 -18.64
N ALA A 47 5.15 -13.31 -18.93
CA ALA A 47 5.98 -14.06 -18.06
C ALA A 47 6.90 -14.96 -18.87
N PRO A 48 8.13 -15.18 -18.40
CA PRO A 48 9.04 -16.10 -19.07
C PRO A 48 8.64 -17.53 -18.77
N ALA A 49 9.25 -18.45 -19.52
CA ALA A 49 9.18 -19.87 -19.18
C ALA A 49 9.56 -20.05 -17.72
N HIS A 50 8.90 -21.00 -17.04
CA HIS A 50 9.04 -21.12 -15.61
C HIS A 50 8.37 -22.39 -15.15
N HIS A 51 8.53 -22.65 -13.86
CA HIS A 51 7.92 -23.79 -13.20
C HIS A 51 7.56 -23.36 -11.80
N VAL A 52 6.26 -23.39 -11.44
CA VAL A 52 5.85 -23.04 -10.09
C VAL A 52 5.01 -24.17 -9.50
N LYS A 53 4.96 -24.20 -8.17
CA LYS A 53 4.21 -25.19 -7.41
C LYS A 53 3.22 -24.44 -6.54
N TYR A 54 1.97 -24.91 -6.57
CA TYR A 54 0.96 -24.32 -5.71
C TYR A 54 1.32 -24.41 -4.21
N ALA A 55 2.14 -25.42 -3.82
CA ALA A 55 2.51 -25.54 -2.42
C ALA A 55 3.34 -24.35 -1.94
N ASP A 56 3.96 -23.60 -2.85
CA ASP A 56 4.73 -22.44 -2.49
C ASP A 56 3.87 -21.17 -2.42
N PHE A 57 2.59 -21.24 -2.79
CA PHE A 57 1.73 -20.06 -2.71
C PHE A 57 1.56 -19.64 -1.25
N ASP A 58 1.42 -18.32 -1.04
CA ASP A 58 1.12 -17.76 0.26
C ASP A 58 -0.38 -17.56 0.33
N VAL A 59 -1.08 -18.56 0.87
CA VAL A 59 -2.52 -18.51 1.10
C VAL A 59 -2.77 -18.41 2.60
N PRO A 60 -3.35 -17.29 3.08
CA PRO A 60 -3.56 -17.14 4.52
C PRO A 60 -4.52 -18.20 5.10
N GLU A 61 -4.37 -18.51 6.40
CA GLU A 61 -5.20 -19.55 7.00
C GLU A 61 -6.68 -19.36 6.72
N LYS A 62 -7.17 -18.14 6.83
CA LYS A 62 -8.60 -17.92 6.76
C LYS A 62 -9.18 -18.29 5.40
N TYR A 63 -8.32 -18.37 4.37
CA TYR A 63 -8.75 -18.73 3.03
C TYR A 63 -8.42 -20.18 2.66
N ARG A 64 -7.70 -20.91 3.49
CA ARG A 64 -7.20 -22.23 3.10
C ARG A 64 -8.26 -23.34 3.12
N GLY A 65 -9.44 -23.07 3.66
CA GLY A 65 -10.41 -24.12 3.86
C GLY A 65 -10.72 -24.91 2.60
N ASP A 66 -11.13 -24.21 1.53
CA ASP A 66 -11.46 -24.89 0.29
C ASP A 66 -10.21 -25.38 -0.45
N TRP A 67 -9.06 -24.76 -0.18
CA TRP A 67 -7.81 -25.28 -0.73
C TRP A 67 -7.55 -26.66 -0.18
N ASP A 68 -7.71 -26.83 1.14
CA ASP A 68 -7.54 -28.15 1.71
C ASP A 68 -8.64 -29.10 1.26
N LYS A 69 -9.89 -28.63 1.27
CA LYS A 69 -11.03 -29.50 0.93
C LYS A 69 -10.89 -30.13 -0.44
N PHE A 70 -10.44 -29.36 -1.44
CA PHE A 70 -10.31 -29.82 -2.82
C PHE A 70 -8.88 -30.14 -3.19
N ASN A 71 -8.00 -30.27 -2.18
CA ASN A 71 -6.58 -30.60 -2.37
C ASN A 71 -5.98 -29.79 -3.54
N LEU A 72 -6.12 -28.47 -3.47
CA LEU A 72 -5.64 -27.64 -4.54
C LEU A 72 -4.12 -27.44 -4.47
N PHE A 73 -3.49 -27.71 -3.33
CA PHE A 73 -2.05 -27.50 -3.29
C PHE A 73 -1.31 -28.60 -4.06
N ARG A 74 -2.03 -29.60 -4.59
CA ARG A 74 -1.42 -30.65 -5.38
C ARG A 74 -0.82 -30.10 -6.65
N TYR A 75 -1.33 -28.98 -7.11
CA TYR A 75 -1.07 -28.52 -8.48
C TYR A 75 0.30 -27.88 -8.67
N GLU A 76 0.74 -27.96 -9.91
CA GLU A 76 2.00 -27.50 -10.42
C GLU A 76 1.77 -26.96 -11.81
N SER A 77 2.60 -25.99 -12.20
CA SER A 77 2.51 -25.44 -13.54
C SER A 77 3.90 -25.25 -14.08
N LYS A 78 4.16 -25.95 -15.16
CA LYS A 78 5.44 -25.84 -15.87
C LYS A 78 5.15 -25.28 -17.24
N VAL A 79 5.69 -24.10 -17.54
CA VAL A 79 5.42 -23.42 -18.80
C VAL A 79 6.74 -23.23 -19.54
N ASP A 80 6.82 -23.76 -20.73
CA ASP A 80 8.09 -23.80 -21.45
C ASP A 80 8.20 -22.73 -22.51
N GLU A 81 7.19 -21.90 -22.70
CA GLU A 81 7.19 -20.81 -23.65
C GLU A 81 6.79 -19.54 -22.93
N PRO A 82 7.17 -18.37 -23.46
CA PRO A 82 6.64 -17.12 -22.92
C PRO A 82 5.13 -17.13 -23.03
N ILE A 83 4.49 -16.43 -22.07
CA ILE A 83 3.05 -16.31 -22.02
C ILE A 83 2.67 -14.84 -21.81
N ILE A 84 1.47 -14.51 -22.24
CA ILE A 84 0.89 -13.16 -22.04
C ILE A 84 -0.63 -13.25 -21.84
N ARG A 85 -1.16 -12.37 -21.01
CA ARG A 85 -2.58 -12.33 -20.72
C ARG A 85 -2.93 -10.90 -20.36
N ALA A 86 -4.20 -10.57 -20.54
CA ALA A 86 -4.74 -9.29 -20.09
C ALA A 86 -5.38 -9.31 -18.70
N TYR A 87 -5.13 -8.27 -17.90
CA TYR A 87 -5.84 -8.08 -16.63
C TYR A 87 -6.30 -6.65 -16.46
N SER A 88 -7.53 -6.50 -15.91
CA SER A 88 -8.16 -5.19 -15.75
C SER A 88 -7.60 -4.42 -14.54
N MET A 89 -7.44 -3.13 -14.70
CA MET A 89 -7.05 -2.36 -13.54
C MET A 89 -8.17 -2.28 -12.53
N ALA A 90 -7.84 -2.51 -11.26
CA ALA A 90 -8.70 -2.24 -10.11
C ALA A 90 -8.45 -0.88 -9.51
N ASN A 91 -7.26 -0.29 -9.74
CA ASN A 91 -7.09 1.10 -9.34
C ASN A 91 -7.73 2.01 -10.39
N TYR A 92 -8.01 3.23 -9.99
CA TYR A 92 -8.43 4.27 -10.93
C TYR A 92 -7.25 5.16 -11.27
N PRO A 93 -7.38 5.96 -12.32
CA PRO A 93 -6.19 6.62 -12.87
C PRO A 93 -5.45 7.53 -11.94
N GLU A 94 -6.09 8.12 -10.90
CA GLU A 94 -5.37 9.02 -9.99
C GLU A 94 -4.86 8.29 -8.73
N GLU A 95 -4.95 6.95 -8.71
CA GLU A 95 -4.10 6.17 -7.81
C GLU A 95 -2.80 5.96 -8.60
N PHE A 96 -1.97 7.01 -8.52
CA PHE A 96 -0.77 7.14 -9.30
C PHE A 96 0.32 6.16 -8.88
N GLY A 97 1.24 5.85 -9.83
CA GLY A 97 2.44 5.15 -9.53
C GLY A 97 2.31 3.68 -9.26
N ILE A 98 1.11 3.12 -9.46
CA ILE A 98 0.83 1.73 -9.16
C ILE A 98 -0.13 1.18 -10.20
N ILE A 99 -0.20 -0.16 -10.23
CA ILE A 99 -1.24 -0.89 -10.94
C ILE A 99 -1.70 -1.96 -9.98
N MET A 100 -3.02 -2.03 -9.76
CA MET A 100 -3.65 -3.04 -8.90
C MET A 100 -4.50 -3.94 -9.77
N LEU A 101 -4.39 -5.25 -9.59
CA LEU A 101 -5.10 -6.27 -10.35
C LEU A 101 -5.83 -7.17 -9.37
N ASN A 102 -6.88 -7.82 -9.85
CA ASN A 102 -7.62 -8.82 -9.06
C ASN A 102 -7.57 -10.10 -9.92
N VAL A 103 -6.79 -11.08 -9.49
CA VAL A 103 -6.50 -12.22 -10.34
C VAL A 103 -7.06 -13.50 -9.71
N ARG A 104 -7.99 -14.15 -10.39
CA ARG A 104 -8.53 -15.44 -9.97
C ARG A 104 -7.52 -16.52 -10.31
N ILE A 105 -7.37 -17.48 -9.40
CA ILE A 105 -6.54 -18.63 -9.71
C ILE A 105 -7.37 -19.60 -10.55
N ALA A 106 -6.93 -19.86 -11.79
CA ALA A 106 -7.68 -20.71 -12.71
C ALA A 106 -7.19 -22.15 -12.52
N THR A 107 -7.69 -22.79 -11.47
CA THR A 107 -7.37 -24.20 -11.24
C THR A 107 -8.00 -25.09 -12.31
N PRO A 108 -7.50 -26.31 -12.46
CA PRO A 108 -8.16 -27.26 -13.35
C PRO A 108 -9.64 -27.45 -12.97
N PRO A 109 -10.49 -27.70 -13.96
CA PRO A 109 -11.91 -27.92 -13.62
C PRO A 109 -12.11 -29.18 -12.78
N PRO A 110 -13.16 -29.22 -11.97
CA PRO A 110 -13.35 -30.37 -11.06
C PRO A 110 -13.54 -31.68 -11.78
N ASN A 111 -14.27 -31.68 -12.89
CA ASN A 111 -14.54 -32.86 -13.69
C ASN A 111 -13.37 -33.26 -14.56
N ASN A 112 -12.28 -32.49 -14.50
CA ASN A 112 -11.09 -32.69 -15.32
C ASN A 112 -9.90 -32.31 -14.46
N PRO A 113 -9.74 -32.92 -13.29
CA PRO A 113 -8.81 -32.38 -12.31
C PRO A 113 -7.34 -32.53 -12.70
N ASN A 114 -7.02 -33.31 -13.72
CA ASN A 114 -5.63 -33.57 -14.07
C ASN A 114 -5.16 -32.90 -15.35
N VAL A 115 -5.95 -31.99 -15.91
CA VAL A 115 -5.46 -31.15 -17.00
C VAL A 115 -4.57 -30.07 -16.40
N PRO A 116 -3.78 -29.37 -17.20
CA PRO A 116 -2.84 -28.38 -16.65
C PRO A 116 -3.56 -27.23 -15.98
N PRO A 117 -2.99 -26.71 -14.89
CA PRO A 117 -3.54 -25.49 -14.30
C PRO A 117 -3.37 -24.30 -15.22
N GLY A 118 -4.17 -23.26 -14.94
CA GLY A 118 -4.05 -22.03 -15.71
C GLY A 118 -2.62 -21.51 -15.72
N GLN A 119 -2.09 -21.16 -16.89
CA GLN A 119 -0.67 -20.82 -16.96
C GLN A 119 -0.38 -19.47 -16.30
N MET A 120 -1.07 -18.40 -16.73
CA MET A 120 -0.60 -17.11 -16.22
C MET A 120 -1.07 -16.90 -14.77
N SER A 121 -2.25 -17.35 -14.40
CA SER A 121 -2.75 -17.09 -13.04
C SER A 121 -1.92 -17.87 -12.04
N SER A 122 -1.47 -19.10 -12.41
CA SER A 122 -0.55 -19.81 -11.52
C SER A 122 0.73 -19.02 -11.37
N TYR A 123 1.28 -18.48 -12.46
CA TYR A 123 2.50 -17.67 -12.35
C TYR A 123 2.28 -16.45 -11.45
N ILE A 124 1.17 -15.75 -11.64
CA ILE A 124 0.93 -14.56 -10.83
C ILE A 124 0.80 -14.92 -9.35
N TRP A 125 0.12 -16.03 -9.03
CA TRP A 125 -0.06 -16.39 -7.65
C TRP A 125 1.28 -16.81 -7.02
N SER A 126 2.30 -17.11 -7.81
CA SER A 126 3.64 -17.41 -7.32
C SER A 126 4.43 -16.18 -6.88
N LEU A 127 4.03 -14.98 -7.32
CA LEU A 127 4.82 -13.79 -7.08
C LEU A 127 4.71 -13.34 -5.61
N LYS A 128 5.82 -12.84 -5.10
CA LYS A 128 5.90 -12.28 -3.77
C LYS A 128 6.48 -10.87 -3.83
N ALA A 129 6.34 -10.16 -2.72
CA ALA A 129 6.90 -8.82 -2.62
C ALA A 129 8.36 -8.80 -3.05
N GLY A 130 8.71 -7.82 -3.88
CA GLY A 130 10.03 -7.63 -4.37
C GLY A 130 10.32 -8.32 -5.69
N ASP A 131 9.48 -9.27 -6.09
CA ASP A 131 9.63 -9.86 -7.41
C ASP A 131 9.40 -8.83 -8.50
N LYS A 132 9.91 -9.13 -9.71
CA LYS A 132 9.63 -8.30 -10.88
C LYS A 132 8.46 -8.86 -11.67
N CYS A 133 7.67 -7.98 -12.29
CA CYS A 133 6.51 -8.34 -13.12
C CYS A 133 6.52 -7.35 -14.27
N THR A 134 6.57 -7.84 -15.53
CA THR A 134 6.54 -6.97 -16.71
C THR A 134 5.14 -6.82 -17.27
N ILE A 135 4.68 -5.56 -17.39
CA ILE A 135 3.37 -5.26 -17.96
C ILE A 135 3.52 -4.37 -19.17
N SER A 136 2.47 -4.33 -19.98
CA SER A 136 2.48 -3.48 -21.18
C SER A 136 1.07 -2.91 -21.39
N GLY A 137 1.00 -1.78 -22.08
CA GLY A 137 -0.26 -1.16 -22.39
C GLY A 137 -0.15 0.33 -22.20
N PRO A 138 -1.21 0.95 -21.76
CA PRO A 138 -2.54 0.44 -21.40
C PRO A 138 -3.37 0.22 -22.63
N PHE A 139 -4.44 -0.57 -22.48
CA PHE A 139 -5.42 -0.93 -23.53
C PHE A 139 -6.82 -0.71 -22.96
N GLY A 140 -7.83 -0.75 -23.81
CA GLY A 140 -9.15 -0.79 -23.20
C GLY A 140 -10.26 -0.52 -24.19
N GLU A 141 -11.44 -1.01 -23.83
CA GLU A 141 -12.67 -0.62 -24.50
C GLU A 141 -13.86 -0.49 -23.59
N PHE A 142 -13.80 -0.97 -22.34
CA PHE A 142 -14.91 -1.03 -21.41
C PHE A 142 -14.98 0.30 -20.66
N PHE A 143 -15.34 1.34 -21.38
CA PHE A 143 -15.26 2.68 -20.84
C PHE A 143 -16.64 3.23 -20.53
N ALA A 144 -16.67 4.16 -19.55
CA ALA A 144 -17.93 4.76 -19.19
C ALA A 144 -18.44 5.67 -20.31
N LYS A 145 -19.75 5.72 -20.45
CA LYS A 145 -20.34 6.74 -21.31
C LYS A 145 -20.31 8.11 -20.65
N ASP A 146 -20.16 9.14 -21.45
CA ASP A 146 -20.10 10.50 -20.96
C ASP A 146 -21.49 11.13 -21.12
N THR A 147 -22.33 10.80 -20.16
CA THR A 147 -23.72 11.25 -20.12
C THR A 147 -24.05 11.62 -18.68
N ASP A 148 -25.33 11.95 -18.44
CA ASP A 148 -25.84 12.20 -17.09
C ASP A 148 -26.72 11.05 -16.61
N ALA A 149 -26.72 9.92 -17.28
CA ALA A 149 -27.65 8.86 -16.92
C ALA A 149 -27.27 8.22 -15.59
N GLU A 150 -28.29 7.73 -14.90
CA GLU A 150 -28.08 6.88 -13.74
C GLU A 150 -27.26 5.67 -14.15
N MET A 151 -26.29 5.31 -13.31
CA MET A 151 -25.41 4.17 -13.56
C MET A 151 -25.72 3.03 -12.61
N VAL A 152 -25.83 1.79 -13.12
CA VAL A 152 -25.97 0.60 -12.31
C VAL A 152 -24.81 -0.34 -12.65
N PHE A 153 -23.93 -0.57 -11.69
CA PHE A 153 -22.78 -1.46 -11.81
C PHE A 153 -23.13 -2.80 -11.20
N ILE A 154 -22.82 -3.88 -11.91
CA ILE A 154 -23.20 -5.21 -11.48
C ILE A 154 -21.95 -6.05 -11.60
N GLY A 155 -21.41 -6.52 -10.48
CA GLY A 155 -20.19 -7.31 -10.48
C GLY A 155 -20.41 -8.66 -9.82
N GLY A 156 -19.63 -9.66 -10.24
CA GLY A 156 -19.64 -10.92 -9.54
C GLY A 156 -18.26 -11.52 -9.46
N GLY A 157 -17.95 -12.08 -8.29
CA GLY A 157 -16.72 -12.87 -8.19
C GLY A 157 -15.51 -12.07 -8.63
N ALA A 158 -14.77 -12.72 -9.53
CA ALA A 158 -13.54 -12.14 -10.00
C ALA A 158 -13.71 -11.05 -11.05
N GLY A 159 -14.89 -10.52 -11.26
CA GLY A 159 -15.13 -9.34 -12.08
C GLY A 159 -14.97 -8.01 -11.38
N MET A 160 -14.54 -8.03 -10.13
CA MET A 160 -14.44 -6.82 -9.33
C MET A 160 -13.63 -5.68 -9.87
N ALA A 161 -12.48 -5.98 -10.47
CA ALA A 161 -11.49 -4.94 -10.72
C ALA A 161 -12.01 -3.77 -11.54
N PRO A 162 -12.57 -3.96 -12.73
CA PRO A 162 -13.06 -2.77 -13.49
C PRO A 162 -14.23 -2.04 -12.80
N MET A 163 -15.02 -2.72 -11.96
CA MET A 163 -16.09 -2.08 -11.19
C MET A 163 -15.47 -1.07 -10.21
N ARG A 164 -14.42 -1.49 -9.47
CA ARG A 164 -13.78 -0.56 -8.56
C ARG A 164 -13.17 0.60 -9.33
N SER A 165 -12.49 0.30 -10.42
CA SER A 165 -11.85 1.37 -11.19
C SER A 165 -12.89 2.38 -11.66
N HIS A 166 -13.99 1.87 -12.21
CA HIS A 166 -15.04 2.75 -12.74
C HIS A 166 -15.62 3.64 -11.65
N ILE A 167 -15.95 3.02 -10.51
CA ILE A 167 -16.70 3.72 -9.48
C ILE A 167 -15.83 4.79 -8.85
N PHE A 168 -14.56 4.45 -8.50
CA PHE A 168 -13.66 5.48 -7.99
C PHE A 168 -13.39 6.55 -9.04
N ASP A 169 -13.30 6.20 -10.32
CA ASP A 169 -13.04 7.24 -11.33
C ASP A 169 -14.18 8.25 -11.36
N GLN A 170 -15.43 7.77 -11.33
CA GLN A 170 -16.55 8.72 -11.31
C GLN A 170 -16.49 9.63 -10.09
N LEU A 171 -16.42 9.03 -8.88
CA LEU A 171 -16.65 9.81 -7.68
C LEU A 171 -15.44 10.61 -7.25
N LYS A 172 -14.25 10.15 -7.53
CA LYS A 172 -13.04 10.86 -7.13
C LYS A 172 -12.44 11.75 -8.21
N ARG A 173 -12.19 11.23 -9.39
CA ARG A 173 -11.53 12.03 -10.42
C ARG A 173 -12.52 12.95 -11.07
N LEU A 174 -13.63 12.42 -11.54
CA LEU A 174 -14.65 13.24 -12.22
C LEU A 174 -15.60 13.95 -11.28
N LYS A 175 -15.59 13.63 -9.99
CA LYS A 175 -16.50 14.32 -9.03
C LYS A 175 -17.93 14.31 -9.56
N SER A 176 -18.34 13.14 -10.05
CA SER A 176 -19.62 13.01 -10.70
C SER A 176 -20.74 13.13 -9.68
N LYS A 177 -21.82 13.75 -10.13
CA LYS A 177 -23.07 13.82 -9.37
C LYS A 177 -24.09 12.85 -9.90
N ARG A 178 -23.70 12.02 -10.86
CA ARG A 178 -24.61 11.02 -11.37
C ARG A 178 -25.05 10.06 -10.28
N LYS A 179 -26.32 9.60 -10.35
CA LYS A 179 -26.80 8.59 -9.42
C LYS A 179 -26.15 7.25 -9.77
N MET A 180 -25.59 6.59 -8.76
CA MET A 180 -24.81 5.40 -8.99
C MET A 180 -25.06 4.34 -7.95
N SER A 181 -25.07 3.08 -8.38
CA SER A 181 -25.18 1.97 -7.43
C SER A 181 -24.29 0.86 -7.95
N TYR A 182 -23.77 0.06 -7.01
CA TYR A 182 -23.02 -1.16 -7.29
C TYR A 182 -23.64 -2.35 -6.57
N TRP A 183 -23.89 -3.40 -7.32
CA TRP A 183 -24.51 -4.64 -6.87
C TRP A 183 -23.49 -5.71 -7.10
N TYR A 184 -22.99 -6.31 -6.04
CA TYR A 184 -21.89 -7.25 -6.14
C TYR A 184 -22.33 -8.60 -5.57
N GLY A 185 -22.12 -9.63 -6.38
CA GLY A 185 -22.41 -11.00 -5.97
C GLY A 185 -21.13 -11.74 -5.58
N ALA A 186 -21.14 -12.29 -4.38
CA ALA A 186 -20.06 -13.10 -3.86
C ALA A 186 -20.65 -14.40 -3.35
N ARG A 187 -19.84 -15.45 -3.30
CA ARG A 187 -20.40 -16.72 -2.80
C ARG A 187 -20.69 -16.64 -1.29
N SER A 188 -19.74 -16.14 -0.50
CA SER A 188 -19.92 -16.07 0.95
C SER A 188 -19.13 -14.90 1.50
N LYS A 189 -19.30 -14.68 2.83
CA LYS A 189 -18.79 -13.45 3.41
C LYS A 189 -17.24 -13.29 3.25
N ARG A 190 -16.47 -14.38 3.38
CA ARG A 190 -15.02 -14.27 3.23
C ARG A 190 -14.63 -13.97 1.80
N GLU A 191 -15.52 -14.14 0.85
CA GLU A 191 -15.22 -13.83 -0.55
C GLU A 191 -15.49 -12.35 -0.89
N MET A 192 -16.04 -11.59 0.07
CA MET A 192 -16.19 -10.16 -0.13
C MET A 192 -14.84 -9.46 -0.01
N PHE A 193 -14.68 -8.36 -0.72
CA PHE A 193 -13.48 -7.53 -0.56
C PHE A 193 -13.77 -6.13 -1.09
N TYR A 194 -12.81 -5.22 -0.82
CA TYR A 194 -12.98 -3.78 -1.02
C TYR A 194 -14.19 -3.23 -0.22
N VAL A 195 -14.52 -3.89 0.87
CA VAL A 195 -15.66 -3.47 1.67
C VAL A 195 -15.43 -2.08 2.26
N GLU A 196 -14.28 -1.84 2.85
CA GLU A 196 -14.02 -0.52 3.42
C GLU A 196 -13.98 0.55 2.33
N ASP A 197 -13.38 0.23 1.18
CA ASP A 197 -13.38 1.18 0.06
C ASP A 197 -14.80 1.58 -0.35
N PHE A 198 -15.68 0.59 -0.60
CA PHE A 198 -17.02 0.97 -1.10
C PHE A 198 -17.89 1.54 0.03
N ASP A 199 -17.73 1.02 1.27
CA ASP A 199 -18.50 1.58 2.38
C ASP A 199 -18.13 3.05 2.55
N GLY A 200 -16.84 3.36 2.41
CA GLY A 200 -16.40 4.73 2.57
C GLY A 200 -16.96 5.63 1.48
N LEU A 201 -16.92 5.16 0.23
CA LEU A 201 -17.46 5.95 -0.86
C LEU A 201 -18.95 6.17 -0.68
N ALA A 202 -19.66 5.15 -0.20
CA ALA A 202 -21.10 5.30 -0.03
C ALA A 202 -21.41 6.30 1.05
N ALA A 203 -20.65 6.26 2.12
CA ALA A 203 -20.89 7.14 3.25
C ALA A 203 -20.62 8.60 2.88
N GLU A 204 -19.61 8.83 2.05
CA GLU A 204 -19.19 10.16 1.66
C GLU A 204 -19.97 10.76 0.51
N ASN A 205 -20.69 9.95 -0.28
CA ASN A 205 -21.34 10.42 -1.49
C ASN A 205 -22.82 10.06 -1.45
N ASP A 206 -23.69 11.06 -1.30
CA ASP A 206 -25.11 10.74 -1.26
C ASP A 206 -25.62 10.17 -2.57
N ASN A 207 -24.86 10.27 -3.66
CA ASN A 207 -25.30 9.71 -4.93
C ASN A 207 -24.77 8.32 -5.20
N PHE A 208 -24.13 7.70 -4.24
CA PHE A 208 -23.66 6.34 -4.42
C PHE A 208 -24.08 5.44 -3.27
N VAL A 209 -24.57 4.24 -3.61
CA VAL A 209 -24.88 3.18 -2.65
C VAL A 209 -24.35 1.88 -3.26
N TRP A 210 -24.06 0.92 -2.39
CA TRP A 210 -23.71 -0.41 -2.88
C TRP A 210 -24.31 -1.49 -2.00
N HIS A 211 -24.48 -2.66 -2.60
CA HIS A 211 -25.07 -3.81 -1.94
C HIS A 211 -24.34 -5.06 -2.36
N CYS A 212 -24.12 -5.96 -1.39
CA CYS A 212 -23.61 -7.28 -1.71
C CYS A 212 -24.64 -8.35 -1.38
N ALA A 213 -24.76 -9.34 -2.27
CA ALA A 213 -25.62 -10.50 -2.07
C ALA A 213 -24.73 -11.74 -2.02
N LEU A 214 -25.00 -12.64 -1.10
CA LEU A 214 -24.25 -13.89 -1.00
C LEU A 214 -25.07 -15.04 -1.60
N SER A 215 -24.51 -15.70 -2.59
CA SER A 215 -25.21 -16.81 -3.24
C SER A 215 -25.05 -18.13 -2.54
N ASP A 216 -24.06 -18.24 -1.63
CA ASP A 216 -23.80 -19.49 -0.88
C ASP A 216 -23.31 -19.15 0.52
N PRO A 217 -24.08 -18.39 1.30
CA PRO A 217 -23.63 -17.95 2.62
C PRO A 217 -23.32 -19.14 3.53
N GLN A 218 -22.32 -19.01 4.29
CA GLN A 218 -21.80 -20.12 5.08
C GLN A 218 -22.30 -20.05 6.50
N PRO A 219 -22.37 -21.22 7.17
CA PRO A 219 -22.83 -21.22 8.56
C PRO A 219 -22.12 -20.19 9.44
N GLU A 220 -20.80 -20.07 9.29
CA GLU A 220 -20.02 -19.16 10.13
C GLU A 220 -20.14 -17.71 9.74
N ASP A 221 -20.83 -17.37 8.66
CA ASP A 221 -20.97 -15.98 8.25
C ASP A 221 -21.98 -15.19 9.09
N ASN A 222 -22.91 -15.88 9.77
CA ASN A 222 -24.00 -15.21 10.47
C ASN A 222 -24.63 -14.12 9.62
N TRP A 223 -24.91 -14.44 8.37
CA TRP A 223 -25.31 -13.45 7.39
C TRP A 223 -26.81 -13.20 7.48
N THR A 224 -27.17 -11.94 7.53
CA THR A 224 -28.55 -11.48 7.56
C THR A 224 -28.83 -10.48 6.44
N GLY A 225 -27.96 -10.43 5.45
CA GLY A 225 -28.12 -9.58 4.30
C GLY A 225 -28.75 -10.29 3.13
N TYR A 226 -28.61 -9.66 1.97
CA TYR A 226 -29.20 -10.19 0.75
C TYR A 226 -28.57 -11.53 0.41
N THR A 227 -29.39 -12.45 -0.14
CA THR A 227 -28.95 -13.78 -0.53
C THR A 227 -29.51 -14.12 -1.90
N GLY A 228 -28.80 -15.01 -2.57
CA GLY A 228 -29.15 -15.49 -3.88
C GLY A 228 -28.26 -14.89 -4.93
N PHE A 229 -28.70 -15.03 -6.18
CA PHE A 229 -27.97 -14.47 -7.31
C PHE A 229 -28.15 -12.93 -7.34
N ILE A 230 -27.06 -12.23 -7.68
CA ILE A 230 -27.11 -10.78 -7.62
C ILE A 230 -28.16 -10.20 -8.56
N HIS A 231 -28.36 -10.82 -9.76
CA HIS A 231 -29.37 -10.24 -10.65
C HIS A 231 -30.77 -10.26 -10.02
N ASN A 232 -31.09 -11.34 -9.31
CA ASN A 232 -32.41 -11.41 -8.66
C ASN A 232 -32.51 -10.37 -7.53
N VAL A 233 -31.44 -10.22 -6.75
CA VAL A 233 -31.44 -9.22 -5.67
C VAL A 233 -31.59 -7.80 -6.24
N LEU A 234 -30.89 -7.51 -7.34
CA LEU A 234 -30.99 -6.19 -7.96
C LEU A 234 -32.39 -5.96 -8.47
N TYR A 235 -33.02 -6.99 -9.05
CA TYR A 235 -34.39 -6.83 -9.53
C TYR A 235 -35.36 -6.59 -8.39
N GLU A 236 -35.37 -7.47 -7.41
CA GLU A 236 -36.38 -7.42 -6.36
C GLU A 236 -36.26 -6.18 -5.49
N ASN A 237 -35.05 -5.69 -5.26
CA ASN A 237 -34.86 -4.61 -4.29
C ASN A 237 -34.66 -3.26 -4.94
N TYR A 238 -34.64 -3.20 -6.27
CA TYR A 238 -34.46 -1.88 -6.88
C TYR A 238 -35.10 -1.75 -8.26
N LEU A 239 -34.77 -2.65 -9.18
CA LEU A 239 -35.18 -2.38 -10.57
C LEU A 239 -36.65 -2.64 -10.80
N LYS A 240 -37.22 -3.62 -10.09
CA LYS A 240 -38.64 -3.91 -10.26
C LYS A 240 -39.51 -2.69 -10.03
N ASP A 241 -39.20 -1.89 -9.02
CA ASP A 241 -39.95 -0.69 -8.70
C ASP A 241 -39.49 0.56 -9.46
N HIS A 242 -38.42 0.46 -10.21
CA HIS A 242 -37.87 1.65 -10.87
C HIS A 242 -38.83 2.14 -11.92
N GLU A 243 -38.95 3.45 -12.01
CA GLU A 243 -39.92 4.07 -12.90
C GLU A 243 -39.43 4.13 -14.33
N ALA A 244 -38.11 3.93 -14.55
CA ALA A 244 -37.53 4.04 -15.89
C ALA A 244 -36.22 3.27 -15.93
N PRO A 245 -36.24 1.95 -15.78
CA PRO A 245 -34.99 1.17 -15.87
C PRO A 245 -34.31 1.34 -17.22
N GLU A 246 -35.07 1.59 -18.26
CA GLU A 246 -34.51 1.77 -19.59
C GLU A 246 -33.63 3.02 -19.66
N ASP A 247 -33.80 3.93 -18.70
CA ASP A 247 -33.08 5.19 -18.73
C ASP A 247 -31.69 5.08 -18.06
N CYS A 248 -31.40 3.94 -17.41
CA CYS A 248 -30.12 3.73 -16.77
C CYS A 248 -29.13 3.10 -17.74
N GLU A 249 -27.85 3.25 -17.42
CA GLU A 249 -26.74 2.58 -18.10
C GLU A 249 -26.22 1.53 -17.16
N TYR A 250 -26.06 0.31 -17.67
CA TYR A 250 -25.65 -0.87 -16.90
C TYR A 250 -24.27 -1.31 -17.31
N TYR A 251 -23.40 -1.46 -16.33
CA TYR A 251 -22.00 -1.82 -16.57
C TYR A 251 -21.74 -3.07 -15.76
N MET A 252 -21.40 -4.18 -16.42
CA MET A 252 -21.34 -5.46 -15.73
CA MET A 252 -21.33 -5.45 -15.71
C MET A 252 -20.05 -6.22 -16.03
N CYS A 253 -19.57 -6.93 -15.02
CA CYS A 253 -18.41 -7.80 -15.14
C CYS A 253 -18.58 -8.89 -14.11
N GLY A 254 -18.85 -10.09 -14.61
CA GLY A 254 -19.05 -11.26 -13.77
C GLY A 254 -19.02 -12.54 -14.55
N PRO A 255 -19.34 -13.64 -13.87
CA PRO A 255 -19.34 -14.95 -14.53
C PRO A 255 -20.30 -14.97 -15.71
N PRO A 256 -20.03 -15.82 -16.72
CA PRO A 256 -20.93 -15.88 -17.89
C PRO A 256 -22.38 -16.09 -17.54
N MET A 257 -22.66 -16.98 -16.57
CA MET A 257 -24.06 -17.19 -16.18
CA MET A 257 -24.07 -17.18 -16.21
C MET A 257 -24.68 -15.96 -15.54
N MET A 258 -23.87 -15.16 -14.84
CA MET A 258 -24.39 -13.92 -14.27
C MET A 258 -24.72 -12.93 -15.38
N ASN A 259 -23.78 -12.76 -16.32
CA ASN A 259 -24.00 -11.85 -17.45
C ASN A 259 -25.28 -12.23 -18.18
N ALA A 260 -25.48 -13.53 -18.45
CA ALA A 260 -26.68 -13.94 -19.19
C ALA A 260 -27.96 -13.66 -18.39
N ALA A 261 -27.93 -13.92 -17.07
CA ALA A 261 -29.13 -13.70 -16.29
C ALA A 261 -29.44 -12.20 -16.24
N VAL A 262 -28.38 -11.38 -16.11
CA VAL A 262 -28.59 -9.93 -16.03
C VAL A 262 -29.18 -9.43 -17.34
N ILE A 263 -28.54 -9.76 -18.45
CA ILE A 263 -29.02 -9.29 -19.75
C ILE A 263 -30.47 -9.69 -19.96
N ASN A 264 -30.81 -10.96 -19.71
CA ASN A 264 -32.19 -11.40 -19.86
C ASN A 264 -33.15 -10.53 -19.03
N MET A 265 -32.79 -10.27 -17.78
CA MET A 265 -33.65 -9.50 -16.90
C MET A 265 -33.83 -8.07 -17.43
N LEU A 266 -32.74 -7.46 -17.89
CA LEU A 266 -32.79 -6.09 -18.34
C LEU A 266 -33.62 -5.96 -19.61
N LYS A 267 -33.41 -6.85 -20.58
CA LYS A 267 -34.20 -6.79 -21.81
C LYS A 267 -35.67 -6.95 -21.50
N ASN A 268 -36.02 -7.79 -20.53
CA ASN A 268 -37.42 -7.95 -20.14
C ASN A 268 -37.99 -6.71 -19.46
N LEU A 269 -37.13 -5.83 -18.93
CA LEU A 269 -37.57 -4.55 -18.42
C LEU A 269 -37.58 -3.47 -19.51
N GLY A 270 -37.16 -3.81 -20.72
CA GLY A 270 -37.18 -2.85 -21.80
C GLY A 270 -35.89 -2.12 -22.03
N VAL A 271 -34.81 -2.49 -21.32
CA VAL A 271 -33.53 -1.83 -21.52
C VAL A 271 -32.99 -2.13 -22.93
N GLU A 272 -32.50 -1.11 -23.61
CA GLU A 272 -31.94 -1.25 -24.94
C GLU A 272 -30.46 -1.61 -24.87
N GLU A 273 -29.96 -2.30 -25.91
CA GLU A 273 -28.58 -2.78 -25.91
C GLU A 273 -27.57 -1.64 -25.81
N GLU A 274 -27.91 -0.45 -26.30
CA GLU A 274 -27.01 0.69 -26.20
C GLU A 274 -26.64 0.96 -24.75
N ASN A 275 -27.51 0.57 -23.81
CA ASN A 275 -27.38 0.92 -22.41
C ASN A 275 -26.84 -0.23 -21.59
N ILE A 276 -26.37 -1.29 -22.24
CA ILE A 276 -25.87 -2.50 -21.59
C ILE A 276 -24.41 -2.68 -22.01
N LEU A 277 -23.49 -2.53 -21.06
CA LEU A 277 -22.08 -2.63 -21.36
C LEU A 277 -21.51 -3.73 -20.48
N LEU A 278 -20.67 -4.56 -21.05
CA LEU A 278 -20.10 -5.62 -20.25
C LEU A 278 -18.68 -5.88 -20.67
N ASP A 279 -17.91 -6.43 -19.75
CA ASP A 279 -16.56 -6.84 -20.05
C ASP A 279 -16.48 -8.33 -19.88
N ASP A 280 -16.26 -9.03 -20.98
CA ASP A 280 -16.15 -10.47 -21.03
C ASP A 280 -14.66 -10.78 -21.05
N PHE A 281 -14.20 -11.46 -20.06
CA PHE A 281 -12.79 -11.80 -19.99
C PHE A 281 -12.42 -12.96 -20.91
N GLY A 282 -13.39 -13.55 -21.60
CA GLY A 282 -13.15 -14.70 -22.46
C GLY A 282 -13.32 -16.00 -21.68
N HIS B 3 33.52 24.23 12.37
CA HIS B 3 32.98 23.04 13.02
C HIS B 3 33.74 21.80 12.56
N MET B 4 34.05 20.91 13.51
CA MET B 4 34.84 19.70 13.31
C MET B 4 34.06 18.47 13.81
N VAL B 5 34.59 17.24 13.49
CA VAL B 5 33.96 15.98 13.90
C VAL B 5 34.41 15.55 15.29
N LYS B 6 33.48 15.11 16.11
CA LYS B 6 33.76 14.51 17.40
C LYS B 6 33.21 13.08 17.46
N LYS B 7 33.69 12.31 18.42
CA LYS B 7 33.17 10.99 18.74
C LYS B 7 32.72 10.91 20.18
N TRP B 8 31.64 10.20 20.42
CA TRP B 8 31.07 9.96 21.75
C TRP B 8 30.82 8.47 21.92
N GLU B 9 31.29 7.90 23.04
CA GLU B 9 30.91 6.55 23.43
C GLU B 9 29.66 6.68 24.30
N CYS B 10 28.52 6.31 23.75
CA CYS B 10 27.24 6.53 24.37
C CYS B 10 26.76 5.29 25.07
N THR B 11 25.86 5.47 26.03
CA THR B 11 25.15 4.37 26.63
C THR B 11 23.74 4.28 26.07
N VAL B 12 23.33 3.06 25.75
CA VAL B 12 21.98 2.81 25.26
C VAL B 12 20.97 2.99 26.40
N ILE B 13 20.06 3.94 26.23
CA ILE B 13 18.98 4.09 27.20
C ILE B 13 17.90 3.05 26.94
N SER B 14 17.46 2.93 25.68
CA SER B 14 16.48 1.94 25.28
C SER B 14 16.65 1.70 23.78
N ASN B 15 16.10 0.59 23.31
CA ASN B 15 16.16 0.16 21.90
C ASN B 15 14.89 -0.66 21.62
N ASP B 16 13.75 -0.02 21.79
CA ASP B 16 12.45 -0.66 21.67
C ASP B 16 11.92 -0.58 20.23
N ASN B 17 11.22 -1.62 19.85
CA ASN B 17 10.51 -1.56 18.59
C ASN B 17 9.48 -0.44 18.65
N LYS B 18 9.44 0.35 17.57
CA LYS B 18 8.33 1.28 17.25
C LYS B 18 7.38 0.73 16.19
N ALA B 19 7.83 -0.30 15.48
CA ALA B 19 7.13 -0.91 14.37
C ALA B 19 7.69 -2.32 14.26
N THR B 20 7.10 -3.11 13.35
CA THR B 20 7.55 -4.49 13.20
C THR B 20 9.06 -4.53 12.91
N PHE B 21 9.52 -3.63 12.05
CA PHE B 21 10.88 -3.67 11.52
C PHE B 21 11.64 -2.38 11.79
N ILE B 22 11.23 -1.59 12.78
CA ILE B 22 11.90 -0.32 13.12
C ILE B 22 12.07 -0.24 14.63
N LYS B 23 13.30 0.06 15.10
CA LYS B 23 13.58 0.31 16.49
C LYS B 23 13.94 1.77 16.68
N GLU B 24 13.58 2.30 17.83
CA GLU B 24 14.07 3.63 18.27
C GLU B 24 15.29 3.36 19.15
N LEU B 25 16.45 3.65 18.65
CA LEU B 25 17.69 3.54 19.42
C LEU B 25 17.88 4.88 20.12
N LYS B 26 17.85 4.89 21.45
N LYS B 26 17.85 4.89 21.45
CA LYS B 26 18.00 6.13 22.23
CA LYS B 26 18.00 6.11 22.24
C LYS B 26 19.30 6.08 22.99
C LYS B 26 19.32 6.05 22.97
N LEU B 27 20.19 7.02 22.70
CA LEU B 27 21.55 7.03 23.20
C LEU B 27 21.76 8.20 24.13
N ALA B 28 22.34 7.92 25.30
CA ALA B 28 22.67 8.95 26.25
C ALA B 28 24.05 9.49 25.92
N ILE B 29 24.16 10.79 25.71
CA ILE B 29 25.46 11.42 25.47
C ILE B 29 26.19 11.55 26.80
N PRO B 30 27.46 11.19 26.90
CA PRO B 30 28.17 11.31 28.19
C PRO B 30 28.01 12.71 28.80
N ASP B 31 27.69 12.74 30.10
CA ASP B 31 27.49 13.95 30.88
C ASP B 31 26.31 14.79 30.42
N GLY B 32 25.42 14.24 29.59
CA GLY B 32 24.30 15.04 29.10
C GLY B 32 24.71 16.15 28.15
N GLU B 33 25.90 16.04 27.57
CA GLU B 33 26.38 16.98 26.57
C GLU B 33 25.45 17.02 25.36
N SER B 34 25.42 18.16 24.67
CA SER B 34 24.59 18.31 23.48
C SER B 34 25.45 18.11 22.23
N VAL B 35 25.03 17.19 21.35
CA VAL B 35 25.58 17.10 19.99
C VAL B 35 25.09 18.32 19.23
N PRO B 36 25.98 19.12 18.60
CA PRO B 36 25.54 20.40 18.00
C PRO B 36 25.04 20.20 16.57
N PHE B 37 23.96 19.42 16.43
CA PHE B 37 23.50 19.07 15.12
C PHE B 37 22.42 20.04 14.67
N ARG B 38 22.09 19.94 13.38
CA ARG B 38 20.98 20.62 12.77
C ARG B 38 19.90 19.61 12.45
N ALA B 39 18.66 20.05 12.55
CA ALA B 39 17.55 19.19 12.20
C ALA B 39 17.66 18.72 10.76
N GLY B 40 17.45 17.43 10.54
CA GLY B 40 17.70 16.80 9.27
C GLY B 40 19.07 16.19 9.12
N GLY B 41 19.96 16.45 10.07
CA GLY B 41 21.29 15.92 10.04
C GLY B 41 21.41 14.51 10.56
N TYR B 42 22.66 14.03 10.61
CA TYR B 42 22.88 12.62 10.92
C TYR B 42 24.19 12.42 11.65
N ILE B 43 24.30 11.30 12.37
CA ILE B 43 25.57 10.87 12.91
C ILE B 43 25.97 9.59 12.19
N GLN B 44 27.18 9.12 12.45
CA GLN B 44 27.56 7.76 12.07
C GLN B 44 27.68 6.91 13.32
N ILE B 45 27.22 5.67 13.23
CA ILE B 45 27.51 4.62 14.18
C ILE B 45 28.62 3.76 13.60
N GLU B 46 29.60 3.41 14.40
CA GLU B 46 30.62 2.43 14.05
C GLU B 46 30.44 1.19 14.93
N ALA B 47 30.86 0.05 14.39
CA ALA B 47 30.77 -1.20 15.10
C ALA B 47 32.05 -1.98 14.86
N PRO B 48 32.52 -2.68 15.86
CA PRO B 48 33.63 -3.61 15.66
C PRO B 48 33.16 -4.88 14.97
N ALA B 49 34.14 -5.71 14.61
CA ALA B 49 33.85 -7.07 14.18
C ALA B 49 32.98 -7.75 15.25
N HIS B 50 32.04 -8.56 14.81
CA HIS B 50 31.12 -9.16 15.77
C HIS B 50 30.34 -10.23 15.07
N HIS B 51 29.53 -10.93 15.85
CA HIS B 51 28.62 -11.99 15.38
C HIS B 51 27.38 -11.90 16.26
N VAL B 52 26.24 -11.55 15.67
CA VAL B 52 24.98 -11.48 16.39
C VAL B 52 23.97 -12.45 15.78
N LYS B 53 23.02 -12.85 16.61
CA LYS B 53 21.97 -13.78 16.23
C LYS B 53 20.62 -13.08 16.34
N TYR B 54 19.82 -13.19 15.30
CA TYR B 54 18.49 -12.59 15.34
C TYR B 54 17.63 -13.14 16.47
N ALA B 55 17.91 -14.40 16.91
CA ALA B 55 17.11 -14.97 17.99
C ALA B 55 17.30 -14.26 19.32
N ASP B 56 18.37 -13.52 19.49
CA ASP B 56 18.61 -12.80 20.72
C ASP B 56 17.97 -11.40 20.72
N PHE B 57 17.39 -10.97 19.60
CA PHE B 57 16.74 -9.67 19.55
C PHE B 57 15.52 -9.65 20.50
N ASP B 58 15.27 -8.46 21.06
N ASP B 58 15.24 -8.47 21.06
CA ASP B 58 14.09 -8.19 21.88
CA ASP B 58 14.07 -8.30 21.91
C ASP B 58 13.01 -7.66 20.95
C ASP B 58 12.96 -7.67 21.06
N VAL B 59 12.06 -8.53 20.58
CA VAL B 59 10.94 -8.16 19.72
C VAL B 59 9.67 -8.43 20.50
N PRO B 60 8.89 -7.41 20.87
CA PRO B 60 7.66 -7.64 21.62
C PRO B 60 6.63 -8.44 20.85
N GLU B 61 5.75 -9.12 21.61
CA GLU B 61 4.72 -9.95 20.99
C GLU B 61 3.91 -9.19 19.95
N LYS B 62 3.57 -7.92 20.23
CA LYS B 62 2.79 -7.10 19.32
C LYS B 62 3.39 -7.08 17.93
N TYR B 63 4.72 -7.18 17.83
CA TYR B 63 5.44 -6.99 16.59
C TYR B 63 5.98 -8.29 16.01
N ARG B 64 5.72 -9.42 16.65
CA ARG B 64 6.39 -10.66 16.26
C ARG B 64 5.72 -11.41 15.12
N GLY B 65 4.53 -10.99 14.70
CA GLY B 65 3.76 -11.76 13.72
C GLY B 65 4.55 -12.07 12.46
N ASP B 66 5.09 -11.02 11.81
CA ASP B 66 5.87 -11.28 10.60
C ASP B 66 7.21 -11.93 10.89
N TRP B 67 7.75 -11.78 12.10
CA TRP B 67 8.99 -12.44 12.44
C TRP B 67 8.79 -13.94 12.49
N ASP B 68 7.65 -14.37 13.06
CA ASP B 68 7.33 -15.79 13.06
C ASP B 68 7.00 -16.26 11.65
N LYS B 69 6.16 -15.48 10.95
CA LYS B 69 5.71 -15.90 9.62
C LYS B 69 6.88 -16.18 8.71
N PHE B 70 7.89 -15.30 8.74
CA PHE B 70 9.01 -15.42 7.83
C PHE B 70 10.21 -16.06 8.48
N ASN B 71 10.04 -16.63 9.67
CA ASN B 71 11.09 -17.33 10.39
C ASN B 71 12.36 -16.50 10.41
N LEU B 72 12.21 -15.21 10.74
CA LEU B 72 13.37 -14.31 10.77
C LEU B 72 14.32 -14.57 11.94
N PHE B 73 13.87 -15.27 12.98
CA PHE B 73 14.78 -15.53 14.08
C PHE B 73 15.84 -16.56 13.72
N ARG B 74 15.78 -17.12 12.50
CA ARG B 74 16.82 -18.04 12.03
C ARG B 74 18.08 -17.31 11.56
N TYR B 75 17.99 -16.02 11.27
CA TYR B 75 19.10 -15.30 10.68
C TYR B 75 20.21 -14.99 11.69
N GLU B 76 21.42 -14.81 11.16
CA GLU B 76 22.57 -14.37 11.94
C GLU B 76 23.40 -13.44 11.08
N SER B 77 24.22 -12.62 11.71
CA SER B 77 25.10 -11.70 11.00
C SER B 77 26.50 -11.81 11.58
N LYS B 78 27.46 -12.20 10.75
CA LYS B 78 28.87 -12.20 11.15
C LYS B 78 29.59 -11.16 10.33
N VAL B 79 30.21 -10.23 11.05
CA VAL B 79 30.89 -9.07 10.47
C VAL B 79 32.35 -9.20 10.85
N ASP B 80 33.22 -9.33 9.82
CA ASP B 80 34.61 -9.70 10.05
C ASP B 80 35.50 -8.51 10.38
N GLU B 81 35.09 -7.32 9.97
CA GLU B 81 35.87 -6.11 10.08
C GLU B 81 34.99 -4.97 10.55
N PRO B 82 35.56 -3.92 11.12
CA PRO B 82 34.75 -2.75 11.52
C PRO B 82 33.92 -2.21 10.37
N ILE B 83 32.77 -1.64 10.74
CA ILE B 83 31.83 -1.08 9.78
C ILE B 83 31.34 0.26 10.30
N ILE B 84 30.80 1.07 9.40
CA ILE B 84 30.27 2.38 9.75
C ILE B 84 29.05 2.64 8.85
N ARG B 85 28.03 3.33 9.40
CA ARG B 85 26.89 3.73 8.61
C ARG B 85 26.32 5.01 9.23
N ALA B 86 25.62 5.78 8.41
CA ALA B 86 24.89 6.96 8.88
C ALA B 86 23.46 6.66 9.32
N TYR B 87 23.02 7.38 10.35
CA TYR B 87 21.64 7.36 10.79
C TYR B 87 21.20 8.78 11.15
N SER B 88 19.96 9.10 10.79
CA SER B 88 19.42 10.44 10.97
C SER B 88 18.86 10.70 12.34
N MET B 89 19.11 11.87 12.93
CA MET B 89 18.46 12.17 14.22
C MET B 89 16.96 12.30 14.08
N ALA B 90 16.26 11.63 14.98
CA ALA B 90 14.83 11.85 15.16
C ALA B 90 14.53 12.94 16.18
N ASN B 91 15.46 13.22 17.08
CA ASN B 91 15.33 14.33 17.98
C ASN B 91 15.70 15.62 17.23
N TYR B 92 15.11 16.76 17.73
CA TYR B 92 15.57 18.04 17.25
C TYR B 92 16.64 18.60 18.16
N PRO B 93 17.37 19.64 17.73
CA PRO B 93 18.58 20.00 18.47
C PRO B 93 18.36 20.42 19.92
N GLU B 94 17.21 20.96 20.29
CA GLU B 94 17.05 21.29 21.68
C GLU B 94 16.62 20.14 22.58
N GLU B 95 16.41 18.93 22.04
CA GLU B 95 16.31 17.69 22.80
C GLU B 95 17.74 17.24 23.07
N PHE B 96 18.39 17.98 23.98
CA PHE B 96 19.82 17.81 24.14
C PHE B 96 20.15 16.65 25.09
N GLY B 97 21.39 16.22 25.05
CA GLY B 97 21.88 15.21 25.93
C GLY B 97 21.61 13.81 25.44
N ILE B 98 20.88 13.69 24.33
CA ILE B 98 20.59 12.40 23.73
C ILE B 98 20.68 12.44 22.23
N ILE B 99 20.72 11.25 21.65
CA ILE B 99 20.55 11.06 20.22
C ILE B 99 19.50 9.97 20.07
N MET B 100 18.46 10.27 19.32
N MET B 100 18.50 10.25 19.27
CA MET B 100 17.39 9.31 19.02
CA MET B 100 17.39 9.34 18.99
C MET B 100 17.48 8.95 17.55
C MET B 100 17.45 8.95 17.53
N LEU B 101 17.46 7.64 17.26
CA LEU B 101 17.52 7.12 15.88
C LEU B 101 16.31 6.24 15.63
N ASN B 102 15.93 6.11 14.32
CA ASN B 102 14.87 5.18 13.88
C ASN B 102 15.55 4.25 12.90
N VAL B 103 15.80 3.00 13.29
CA VAL B 103 16.67 2.08 12.53
C VAL B 103 15.83 0.91 12.04
N ARG B 104 15.67 0.85 10.71
CA ARG B 104 14.99 -0.27 10.06
C ARG B 104 15.93 -1.49 10.02
N ILE B 105 15.39 -2.67 10.32
CA ILE B 105 16.23 -3.88 10.22
C ILE B 105 16.28 -4.28 8.75
N ALA B 106 17.48 -4.29 8.17
CA ALA B 106 17.64 -4.62 6.76
C ALA B 106 17.86 -6.12 6.62
N THR B 107 16.76 -6.87 6.78
CA THR B 107 16.81 -8.31 6.56
C THR B 107 17.14 -8.61 5.10
N PRO B 108 17.54 -9.85 4.80
CA PRO B 108 17.75 -10.23 3.40
C PRO B 108 16.46 -10.04 2.61
N PRO B 109 16.57 -9.65 1.35
CA PRO B 109 15.34 -9.50 0.53
C PRO B 109 14.60 -10.79 0.42
N PRO B 110 13.26 -10.76 0.37
CA PRO B 110 12.49 -12.02 0.29
C PRO B 110 12.76 -12.79 -0.99
N ASN B 111 12.85 -12.10 -2.10
CA ASN B 111 13.19 -12.80 -3.35
C ASN B 111 14.65 -13.19 -3.42
N ASN B 112 15.40 -13.02 -2.33
CA ASN B 112 16.80 -13.44 -2.27
C ASN B 112 17.13 -13.62 -0.80
N PRO B 113 16.54 -14.64 -0.13
CA PRO B 113 16.56 -14.66 1.34
C PRO B 113 17.81 -15.25 1.97
N ASN B 114 18.75 -15.78 1.20
CA ASN B 114 19.92 -16.42 1.78
C ASN B 114 21.17 -15.57 1.64
N VAL B 115 21.04 -14.33 1.19
CA VAL B 115 22.15 -13.40 1.20
C VAL B 115 22.38 -12.93 2.63
N PRO B 116 23.53 -12.31 2.91
CA PRO B 116 23.83 -11.86 4.27
C PRO B 116 22.82 -10.81 4.71
N PRO B 117 22.37 -10.86 5.96
CA PRO B 117 21.57 -9.75 6.51
C PRO B 117 22.34 -8.44 6.53
N GLY B 118 21.63 -7.32 6.66
CA GLY B 118 22.32 -6.05 6.76
C GLY B 118 23.28 -6.01 7.91
N GLN B 119 24.51 -5.53 7.66
CA GLN B 119 25.55 -5.56 8.70
C GLN B 119 25.23 -4.62 9.86
N MET B 120 25.09 -3.33 9.59
CA MET B 120 24.99 -2.42 10.75
C MET B 120 23.61 -2.52 11.41
N SER B 121 22.54 -2.63 10.63
CA SER B 121 21.23 -2.64 11.26
C SER B 121 21.06 -3.88 12.14
N SER B 122 21.58 -5.03 11.71
CA SER B 122 21.55 -6.21 12.59
C SER B 122 22.31 -5.97 13.87
N TYR B 123 23.49 -5.33 13.76
CA TYR B 123 24.25 -4.99 14.96
C TYR B 123 23.44 -4.10 15.89
N ILE B 124 22.89 -3.03 15.35
CA ILE B 124 22.09 -2.13 16.17
C ILE B 124 20.93 -2.86 16.86
N TRP B 125 20.26 -3.76 16.16
CA TRP B 125 19.10 -4.46 16.72
C TRP B 125 19.51 -5.40 17.84
N SER B 126 20.79 -5.76 17.91
CA SER B 126 21.31 -6.57 19.00
C SER B 126 21.55 -5.79 20.27
N LEU B 127 21.56 -4.46 20.21
CA LEU B 127 21.88 -3.67 21.39
C LEU B 127 20.73 -3.63 22.38
N LYS B 128 21.11 -3.63 23.65
CA LYS B 128 20.20 -3.58 24.78
C LYS B 128 20.53 -2.42 25.70
N ALA B 129 19.57 -2.07 26.55
CA ALA B 129 19.82 -1.00 27.51
C ALA B 129 21.09 -1.26 28.30
N GLY B 130 21.93 -0.22 28.42
CA GLY B 130 23.18 -0.35 29.14
C GLY B 130 24.39 -0.63 28.28
N ASP B 131 24.18 -1.17 27.07
CA ASP B 131 25.26 -1.39 26.15
C ASP B 131 25.88 -0.06 25.70
N LYS B 132 27.09 -0.17 25.15
CA LYS B 132 27.82 0.98 24.61
C LYS B 132 27.69 1.04 23.10
N CYS B 133 27.60 2.26 22.58
CA CYS B 133 27.41 2.53 21.15
C CYS B 133 28.29 3.74 20.87
N THR B 134 29.17 3.67 19.89
CA THR B 134 30.01 4.79 19.54
C THR B 134 29.47 5.52 18.33
N ILE B 135 29.31 6.84 18.45
CA ILE B 135 28.80 7.66 17.37
C ILE B 135 29.80 8.78 17.10
N SER B 136 29.71 9.33 15.92
CA SER B 136 30.59 10.42 15.51
C SER B 136 29.83 11.42 14.63
N GLY B 137 30.30 12.68 14.62
CA GLY B 137 29.67 13.69 13.82
C GLY B 137 29.56 15.00 14.60
N PRO B 138 28.43 15.73 14.48
CA PRO B 138 27.32 15.48 13.58
C PRO B 138 27.60 15.98 12.17
N PHE B 139 26.80 15.57 11.20
CA PHE B 139 26.88 15.85 9.80
C PHE B 139 25.51 16.29 9.31
N GLY B 140 25.45 16.77 8.07
CA GLY B 140 24.12 16.96 7.48
C GLY B 140 24.07 17.82 6.24
N GLU B 141 23.04 17.57 5.44
CA GLU B 141 22.74 18.35 4.24
C GLU B 141 21.25 18.59 4.04
N PHE B 142 20.39 17.88 4.74
CA PHE B 142 18.96 17.91 4.48
C PHE B 142 18.33 18.95 5.38
N PHE B 143 18.60 20.22 5.07
CA PHE B 143 18.19 21.31 5.94
C PHE B 143 17.03 22.11 5.39
N ALA B 144 16.26 22.68 6.29
CA ALA B 144 15.11 23.46 5.88
C ALA B 144 15.51 24.81 5.30
N LYS B 145 14.72 25.28 4.34
CA LYS B 145 14.91 26.61 3.78
C LYS B 145 14.37 27.67 4.75
N ASP B 146 14.97 28.85 4.67
CA ASP B 146 14.64 29.97 5.57
C ASP B 146 13.78 30.95 4.77
N THR B 147 12.50 30.64 4.68
CA THR B 147 11.53 31.42 3.94
C THR B 147 10.25 31.48 4.80
N ASP B 148 9.17 32.05 4.21
CA ASP B 148 7.86 32.01 4.82
C ASP B 148 6.92 31.05 4.12
N ALA B 149 7.44 30.23 3.20
CA ALA B 149 6.62 29.35 2.38
C ALA B 149 5.98 28.26 3.24
N GLU B 150 4.79 27.87 2.80
CA GLU B 150 4.14 26.68 3.33
C GLU B 150 5.09 25.50 3.17
N MET B 151 5.11 24.60 4.19
CA MET B 151 5.95 23.40 4.18
C MET B 151 5.10 22.15 4.19
N VAL B 152 5.45 21.18 3.33
CA VAL B 152 4.73 19.90 3.22
C VAL B 152 5.78 18.83 3.44
N PHE B 153 5.62 18.09 4.53
CA PHE B 153 6.55 17.01 4.89
C PHE B 153 5.90 15.69 4.52
N ILE B 154 6.65 14.79 3.89
CA ILE B 154 6.13 13.51 3.42
C ILE B 154 7.12 12.43 3.86
N GLY B 155 6.63 11.50 4.67
CA GLY B 155 7.46 10.47 5.24
C GLY B 155 6.83 9.10 5.02
N GLY B 156 7.71 8.12 4.99
CA GLY B 156 7.26 6.73 4.92
C GLY B 156 8.19 5.81 5.67
N GLY B 157 7.56 4.90 6.42
CA GLY B 157 8.33 3.89 7.12
C GLY B 157 9.47 4.46 7.92
N ALA B 158 10.64 3.98 7.62
CA ALA B 158 11.82 4.34 8.37
C ALA B 158 12.45 5.65 7.93
N GLY B 159 11.70 6.55 7.30
CA GLY B 159 12.08 7.91 7.05
C GLY B 159 11.54 8.91 8.05
N MET B 160 10.81 8.39 9.04
CA MET B 160 10.26 9.21 10.10
C MET B 160 11.28 10.10 10.73
N ALA B 161 12.50 9.62 10.94
CA ALA B 161 13.40 10.31 11.86
C ALA B 161 13.64 11.76 11.44
N PRO B 162 14.18 12.03 10.24
CA PRO B 162 14.42 13.45 9.92
C PRO B 162 13.13 14.29 9.82
N MET B 163 12.00 13.67 9.51
CA MET B 163 10.73 14.36 9.51
C MET B 163 10.42 14.86 10.91
N ARG B 164 10.49 13.97 11.92
CA ARG B 164 10.26 14.42 13.29
C ARG B 164 11.23 15.54 13.68
N SER B 165 12.50 15.38 13.34
CA SER B 165 13.51 16.38 13.70
C SER B 165 13.14 17.73 13.10
N HIS B 166 12.83 17.76 11.80
CA HIS B 166 12.50 19.00 11.11
C HIS B 166 11.25 19.68 11.68
N ILE B 167 10.23 18.86 11.97
CA ILE B 167 8.93 19.42 12.35
C ILE B 167 9.01 20.03 13.75
N PHE B 168 9.61 19.27 14.68
CA PHE B 168 9.82 19.81 16.01
C PHE B 168 10.76 21.03 15.97
N ASP B 169 11.79 21.01 15.13
CA ASP B 169 12.67 22.17 15.11
C ASP B 169 11.91 23.42 14.67
N GLN B 170 11.07 23.32 13.63
CA GLN B 170 10.32 24.51 13.20
C GLN B 170 9.42 25.02 14.31
N LEU B 171 8.68 24.11 14.93
CA LEU B 171 7.62 24.54 15.85
C LEU B 171 8.15 24.91 17.23
N LYS B 172 9.15 24.22 17.73
CA LYS B 172 9.62 24.39 19.10
C LYS B 172 10.80 25.35 19.15
N ARG B 173 11.83 25.14 18.31
CA ARG B 173 12.98 26.03 18.39
C ARG B 173 12.74 27.34 17.66
N LEU B 174 12.21 27.28 16.45
CA LEU B 174 12.03 28.47 15.63
C LEU B 174 10.71 29.19 15.86
N LYS B 175 9.82 28.53 16.57
CA LYS B 175 8.49 29.10 16.91
C LYS B 175 7.78 29.55 15.63
N SER B 176 7.93 28.73 14.57
CA SER B 176 7.40 29.11 13.26
C SER B 176 5.89 29.17 13.25
N LYS B 177 5.40 30.16 12.53
CA LYS B 177 3.99 30.27 12.18
C LYS B 177 3.73 29.92 10.72
N ARG B 178 4.74 29.41 10.01
CA ARG B 178 4.52 28.92 8.66
C ARG B 178 3.48 27.79 8.65
N LYS B 179 2.68 27.77 7.60
CA LYS B 179 1.74 26.67 7.41
C LYS B 179 2.52 25.37 7.13
N MET B 180 2.17 24.34 7.89
CA MET B 180 2.91 23.10 7.87
C MET B 180 2.01 21.89 7.93
N SER B 181 2.31 20.85 7.15
CA SER B 181 1.61 19.57 7.27
C SER B 181 2.58 18.44 7.12
N TYR B 182 2.28 17.33 7.78
CA TYR B 182 3.05 16.09 7.67
C TYR B 182 2.12 15.00 7.22
N TRP B 183 2.55 14.25 6.19
CA TRP B 183 1.78 13.16 5.61
C TRP B 183 2.68 11.94 5.70
N TYR B 184 2.26 10.95 6.51
CA TYR B 184 3.07 9.77 6.81
C TYR B 184 2.39 8.51 6.31
N GLY B 185 3.12 7.72 5.54
CA GLY B 185 2.63 6.44 5.01
C GLY B 185 3.19 5.32 5.86
N ALA B 186 2.30 4.44 6.31
CA ALA B 186 2.67 3.19 6.98
C ALA B 186 1.81 2.05 6.43
N ARG B 187 2.26 0.82 6.65
CA ARG B 187 1.52 -0.33 6.12
C ARG B 187 0.25 -0.60 6.92
N SER B 188 0.35 -0.56 8.25
CA SER B 188 -0.84 -0.80 9.07
C SER B 188 -0.68 -0.08 10.40
N LYS B 189 -1.69 -0.16 11.26
CA LYS B 189 -1.68 0.70 12.43
C LYS B 189 -0.51 0.37 13.37
N ARG B 190 -0.14 -0.91 13.50
CA ARG B 190 0.95 -1.21 14.43
C ARG B 190 2.25 -0.61 13.96
N GLU B 191 2.37 -0.29 12.65
CA GLU B 191 3.61 0.26 12.09
C GLU B 191 3.70 1.76 12.31
N MET B 192 2.66 2.37 12.85
CA MET B 192 2.71 3.79 13.20
CA MET B 192 2.68 3.76 13.24
C MET B 192 3.51 3.98 14.48
N PHE B 193 4.05 5.19 14.61
CA PHE B 193 4.71 5.57 15.85
C PHE B 193 4.89 7.08 15.88
N TYR B 194 5.29 7.59 17.06
CA TYR B 194 5.31 9.04 17.38
C TYR B 194 3.92 9.64 17.23
N VAL B 195 2.89 8.81 17.41
CA VAL B 195 1.53 9.31 17.27
C VAL B 195 1.21 10.34 18.36
N GLU B 196 1.55 10.05 19.62
CA GLU B 196 1.35 11.03 20.70
C GLU B 196 2.14 12.30 20.43
N ASP B 197 3.38 12.17 19.94
CA ASP B 197 4.21 13.35 19.70
C ASP B 197 3.56 14.28 18.68
N PHE B 198 3.13 13.72 17.54
CA PHE B 198 2.54 14.58 16.49
C PHE B 198 1.15 15.02 16.86
N ASP B 199 0.34 14.20 17.52
CA ASP B 199 -0.96 14.69 17.97
C ASP B 199 -0.80 15.85 18.95
N GLY B 200 0.20 15.76 19.83
CA GLY B 200 0.45 16.84 20.75
C GLY B 200 0.88 18.12 20.08
N LEU B 201 1.79 17.99 19.14
CA LEU B 201 2.23 19.15 18.38
C LEU B 201 1.08 19.79 17.62
N ALA B 202 0.27 18.97 16.94
CA ALA B 202 -0.85 19.50 16.18
C ALA B 202 -1.87 20.15 17.09
N ALA B 203 -2.06 19.59 18.26
CA ALA B 203 -2.99 20.18 19.21
C ALA B 203 -2.55 21.57 19.63
N GLU B 204 -1.25 21.79 19.79
CA GLU B 204 -0.81 23.03 20.40
C GLU B 204 -0.40 24.09 19.38
N ASN B 205 -0.35 23.73 18.09
CA ASN B 205 0.10 24.65 17.03
C ASN B 205 -0.96 24.67 15.92
N ASP B 206 -1.73 25.76 15.87
CA ASP B 206 -2.82 25.78 14.91
C ASP B 206 -2.31 25.77 13.46
N ASN B 207 -1.04 26.05 13.23
CA ASN B 207 -0.51 26.09 11.87
C ASN B 207 -0.03 24.72 11.37
N PHE B 208 -0.10 23.70 12.20
CA PHE B 208 0.43 22.38 11.87
C PHE B 208 -0.65 21.32 12.00
N VAL B 209 -0.75 20.46 10.99
CA VAL B 209 -1.62 19.28 11.02
C VAL B 209 -0.78 18.12 10.50
N TRP B 210 -1.17 16.90 10.90
CA TRP B 210 -0.58 15.71 10.29
C TRP B 210 -1.66 14.67 10.00
N HIS B 211 -1.26 13.79 9.06
CA HIS B 211 -2.13 12.75 8.53
C HIS B 211 -1.33 11.49 8.32
N CYS B 212 -1.96 10.38 8.56
CA CYS B 212 -1.43 9.06 8.23
C CYS B 212 -2.34 8.34 7.28
N ALA B 213 -1.74 7.64 6.32
CA ALA B 213 -2.44 6.72 5.45
C ALA B 213 -1.86 5.33 5.58
N LEU B 214 -2.73 4.33 5.70
CA LEU B 214 -2.32 2.93 5.77
C LEU B 214 -2.46 2.26 4.40
N SER B 215 -1.34 1.71 3.89
CA SER B 215 -1.38 1.04 2.60
C SER B 215 -1.87 -0.39 2.67
N ASP B 216 -1.86 -1.00 3.84
CA ASP B 216 -2.31 -2.38 4.01
C ASP B 216 -2.99 -2.49 5.39
N PRO B 217 -4.08 -1.77 5.61
CA PRO B 217 -4.72 -1.79 6.92
C PRO B 217 -5.18 -3.18 7.27
N GLN B 218 -5.12 -3.49 8.55
CA GLN B 218 -5.50 -4.79 9.05
C GLN B 218 -6.83 -4.70 9.76
N PRO B 219 -7.58 -5.78 9.79
CA PRO B 219 -8.92 -5.73 10.40
C PRO B 219 -8.90 -5.33 11.86
N GLU B 220 -7.89 -5.76 12.62
CA GLU B 220 -7.75 -5.36 14.02
C GLU B 220 -7.48 -3.88 14.21
N ASP B 221 -7.12 -3.14 13.14
CA ASP B 221 -6.80 -1.74 13.29
C ASP B 221 -8.04 -0.88 13.58
N ASN B 222 -9.23 -1.37 13.23
CA ASN B 222 -10.45 -0.54 13.31
C ASN B 222 -10.25 0.83 12.67
N TRP B 223 -9.60 0.83 11.50
CA TRP B 223 -9.09 2.06 10.92
C TRP B 223 -10.21 2.85 10.25
N THR B 224 -10.30 4.12 10.59
CA THR B 224 -11.26 5.03 9.99
C THR B 224 -10.59 6.13 9.17
N GLY B 225 -9.27 6.09 9.02
CA GLY B 225 -8.52 7.12 8.32
C GLY B 225 -8.24 6.80 6.86
N TYR B 226 -7.28 7.51 6.32
CA TYR B 226 -6.94 7.40 4.91
C TYR B 226 -6.28 6.07 4.64
N THR B 227 -6.48 5.56 3.42
CA THR B 227 -5.87 4.31 3.00
C THR B 227 -5.22 4.49 1.64
N GLY B 228 -4.37 3.54 1.30
CA GLY B 228 -3.56 3.62 0.10
C GLY B 228 -2.18 4.18 0.37
N PHE B 229 -1.57 4.63 -0.69
CA PHE B 229 -0.22 5.14 -0.63
C PHE B 229 -0.23 6.64 -0.36
N ILE B 230 0.72 7.07 0.48
CA ILE B 230 0.64 8.44 1.01
C ILE B 230 0.69 9.50 -0.09
N HIS B 231 1.44 9.28 -1.20
CA HIS B 231 1.49 10.33 -2.22
C HIS B 231 0.11 10.54 -2.85
N ASN B 232 -0.66 9.45 -2.98
CA ASN B 232 -2.01 9.55 -3.55
C ASN B 232 -2.98 10.21 -2.57
N VAL B 233 -2.82 9.94 -1.28
CA VAL B 233 -3.68 10.55 -0.26
C VAL B 233 -3.41 12.04 -0.13
N LEU B 234 -2.14 12.44 -0.16
CA LEU B 234 -1.76 13.85 -0.20
C LEU B 234 -2.35 14.54 -1.44
N TYR B 235 -2.27 13.89 -2.61
CA TYR B 235 -2.84 14.51 -3.81
C TYR B 235 -4.36 14.66 -3.68
N GLU B 236 -5.05 13.58 -3.36
CA GLU B 236 -6.49 13.62 -3.42
C GLU B 236 -7.07 14.59 -2.40
N ASN B 237 -6.48 14.62 -1.21
CA ASN B 237 -7.09 15.29 -0.09
C ASN B 237 -6.58 16.70 0.13
N TYR B 238 -5.57 17.15 -0.61
CA TYR B 238 -4.99 18.46 -0.35
C TYR B 238 -4.37 19.09 -1.58
N LEU B 239 -3.47 18.38 -2.28
CA LEU B 239 -2.72 19.10 -3.30
C LEU B 239 -3.47 19.28 -4.60
N LYS B 240 -4.35 18.37 -4.96
CA LYS B 240 -5.02 18.51 -6.26
C LYS B 240 -5.83 19.78 -6.33
N ASP B 241 -6.40 20.21 -5.20
CA ASP B 241 -7.21 21.44 -5.12
C ASP B 241 -6.42 22.67 -4.65
N HIS B 242 -5.15 22.50 -4.31
CA HIS B 242 -4.32 23.62 -3.84
C HIS B 242 -4.21 24.64 -4.95
N GLU B 243 -4.34 25.91 -4.61
CA GLU B 243 -4.30 26.93 -5.65
C GLU B 243 -2.90 27.22 -6.15
N ALA B 244 -1.86 26.78 -5.42
CA ALA B 244 -0.50 27.06 -5.85
C ALA B 244 0.46 26.05 -5.24
N PRO B 245 0.37 24.78 -5.63
CA PRO B 245 1.28 23.76 -5.05
C PRO B 245 2.73 24.09 -5.30
N GLU B 246 3.02 24.79 -6.37
CA GLU B 246 4.39 25.13 -6.72
C GLU B 246 5.02 26.11 -5.74
N ASP B 247 4.21 26.79 -4.93
CA ASP B 247 4.70 27.75 -3.95
C ASP B 247 5.05 27.12 -2.60
N CYS B 248 4.76 25.83 -2.40
CA CYS B 248 5.16 25.14 -1.20
C CYS B 248 6.55 24.53 -1.34
N GLU B 249 7.16 24.25 -0.19
CA GLU B 249 8.42 23.54 -0.10
C GLU B 249 8.09 22.15 0.41
N TYR B 250 8.62 21.12 -0.28
CA TYR B 250 8.33 19.73 0.00
C TYR B 250 9.58 19.06 0.52
N TYR B 251 9.46 18.43 1.70
CA TYR B 251 10.57 17.75 2.37
C TYR B 251 10.17 16.31 2.52
N MET B 252 10.93 15.40 1.96
CA MET B 252 10.46 13.99 1.96
C MET B 252 11.55 13.01 2.36
N CYS B 253 11.13 11.94 3.02
CA CYS B 253 12.04 10.85 3.38
C CYS B 253 11.21 9.58 3.50
N GLY B 254 11.31 8.71 2.52
CA GLY B 254 10.65 7.43 2.56
C GLY B 254 11.38 6.42 1.70
N PRO B 255 10.80 5.23 1.58
CA PRO B 255 11.35 4.20 0.69
C PRO B 255 11.62 4.78 -0.69
N PRO B 256 12.66 4.29 -1.38
CA PRO B 256 12.97 4.83 -2.71
C PRO B 256 11.75 4.87 -3.63
N MET B 257 10.88 3.87 -3.56
CA MET B 257 9.71 3.87 -4.43
C MET B 257 8.68 4.92 -3.96
N MET B 258 8.56 5.18 -2.65
CA MET B 258 7.75 6.32 -2.20
C MET B 258 8.34 7.63 -2.72
N ASN B 259 9.66 7.82 -2.56
CA ASN B 259 10.26 9.09 -3.01
C ASN B 259 10.00 9.29 -4.49
N ALA B 260 10.20 8.25 -5.30
CA ALA B 260 9.99 8.38 -6.74
C ALA B 260 8.53 8.70 -7.04
N ALA B 261 7.59 8.02 -6.38
CA ALA B 261 6.18 8.28 -6.62
C ALA B 261 5.81 9.70 -6.22
N VAL B 262 6.30 10.16 -5.07
CA VAL B 262 6.00 11.53 -4.64
C VAL B 262 6.56 12.52 -5.65
N ILE B 263 7.83 12.37 -6.02
CA ILE B 263 8.48 13.35 -6.89
C ILE B 263 7.75 13.47 -8.24
N ASN B 264 7.37 12.32 -8.82
CA ASN B 264 6.69 12.37 -10.12
C ASN B 264 5.35 13.05 -9.97
N MET B 265 4.62 12.74 -8.89
CA MET B 265 3.37 13.45 -8.61
C MET B 265 3.59 14.95 -8.56
N LEU B 266 4.58 15.39 -7.78
CA LEU B 266 4.78 16.81 -7.56
C LEU B 266 5.16 17.51 -8.84
N LYS B 267 6.03 16.88 -9.63
CA LYS B 267 6.44 17.49 -10.89
C LYS B 267 5.25 17.67 -11.84
N ASN B 268 4.31 16.72 -11.81
CA ASN B 268 3.14 16.85 -12.68
C ASN B 268 2.15 17.89 -12.18
N LEU B 269 2.33 18.39 -10.96
CA LEU B 269 1.59 19.56 -10.50
C LEU B 269 2.33 20.86 -10.76
N GLY B 270 3.51 20.81 -11.36
CA GLY B 270 4.24 22.00 -11.71
C GLY B 270 5.23 22.45 -10.67
N VAL B 271 5.52 21.61 -9.69
CA VAL B 271 6.48 21.96 -8.65
C VAL B 271 7.88 21.82 -9.24
N GLU B 272 8.69 22.84 -9.03
CA GLU B 272 10.06 22.83 -9.53
C GLU B 272 10.99 22.13 -8.56
N GLU B 273 12.12 21.62 -9.09
CA GLU B 273 13.03 20.81 -8.29
C GLU B 273 13.58 21.60 -7.11
N GLU B 274 13.75 22.91 -7.27
CA GLU B 274 14.27 23.74 -6.20
C GLU B 274 13.40 23.66 -4.92
N ASN B 275 12.11 23.38 -5.05
CA ASN B 275 11.20 23.27 -3.93
C ASN B 275 10.97 21.84 -3.48
N ILE B 276 11.79 20.90 -3.96
CA ILE B 276 11.65 19.48 -3.62
C ILE B 276 12.96 19.05 -3.01
N LEU B 277 12.93 18.75 -1.70
CA LEU B 277 14.12 18.38 -0.95
C LEU B 277 13.93 16.96 -0.44
N LEU B 278 14.88 16.10 -0.68
CA LEU B 278 14.80 14.67 -0.43
C LEU B 278 16.01 14.27 0.41
N ASP B 279 15.77 13.38 1.37
CA ASP B 279 16.79 12.75 2.15
C ASP B 279 16.82 11.30 1.70
N ASP B 280 17.74 10.98 0.80
CA ASP B 280 17.88 9.64 0.27
C ASP B 280 18.86 8.91 1.18
N PHE B 281 18.42 7.79 1.71
CA PHE B 281 19.30 6.99 2.54
C PHE B 281 20.18 6.06 1.70
N GLY B 282 20.02 6.10 0.38
CA GLY B 282 20.82 5.30 -0.53
C GLY B 282 20.41 3.84 -0.49
PA FAD C . -5.22 -20.82 -19.08
O1A FAD C . -3.92 -21.47 -19.12
O2A FAD C . -5.70 -19.93 -20.24
O5B FAD C . -6.31 -21.94 -18.76
C5B FAD C . -7.69 -21.60 -18.53
C4B FAD C . -8.35 -22.76 -17.84
O4B FAD C . -8.36 -23.90 -18.74
C3B FAD C . -7.65 -23.24 -16.55
O3B FAD C . -8.69 -23.49 -15.60
C2B FAD C . -6.96 -24.53 -17.02
O2B FAD C . -6.85 -25.40 -15.89
C1B FAD C . -8.00 -25.04 -17.98
N9A FAD C . -7.53 -26.09 -18.87
C8A FAD C . -6.24 -26.29 -19.29
N7A FAD C . -6.12 -27.32 -20.11
C5A FAD C . -7.40 -27.85 -20.17
C6A FAD C . -7.95 -28.96 -20.85
N6A FAD C . -7.23 -29.79 -21.59
N1A FAD C . -9.27 -29.19 -20.71
C2A FAD C . -10.00 -28.36 -19.96
N3A FAD C . -9.59 -27.29 -19.28
C4A FAD C . -8.28 -27.09 -19.43
N1 FAD C . -8.82 -12.51 -15.30
C2 FAD C . -8.85 -12.21 -13.97
O2 FAD C . -8.70 -13.09 -13.12
N3 FAD C . -9.00 -10.91 -13.58
C4 FAD C . -9.22 -9.82 -14.43
O4 FAD C . -9.42 -8.68 -13.98
C4X FAD C . -9.16 -10.14 -15.83
N5 FAD C . -9.31 -9.11 -16.77
C5X FAD C . -9.29 -9.47 -18.11
C6 FAD C . -9.48 -8.46 -19.05
C7 FAD C . -9.45 -8.76 -20.41
C7M FAD C . -9.62 -7.66 -21.45
C8 FAD C . -9.25 -10.08 -20.83
C8M FAD C . -9.22 -10.41 -22.29
C9 FAD C . -9.07 -11.10 -19.89
C9A FAD C . -9.08 -10.81 -18.53
N10 FAD C . -8.90 -11.81 -17.55
C10 FAD C . -8.97 -11.51 -16.19
C1' FAD C . -8.65 -13.22 -17.92
C2' FAD C . -7.17 -13.51 -18.01
O2' FAD C . -6.63 -12.83 -19.13
C3' FAD C . -6.90 -15.01 -18.19
O3' FAD C . -7.68 -15.48 -19.29
C4' FAD C . -7.12 -15.86 -16.93
O4' FAD C . -6.27 -15.34 -15.90
C5' FAD C . -6.88 -17.34 -17.19
O5' FAD C . -5.61 -17.50 -17.86
P FAD C . -4.55 -18.58 -17.36
O1P FAD C . -3.30 -18.48 -18.25
O2P FAD C . -4.33 -18.59 -15.92
O3P FAD C . -5.33 -19.94 -17.77
H51A FAD C . -8.12 -21.43 -19.36
H52A FAD C . -7.74 -20.83 -18.00
H4B FAD C . -9.23 -22.53 -17.62
H3B FAD C . -7.00 -22.63 -16.24
HO3A FAD C . -8.35 -23.43 -14.84
H2B FAD C . -6.14 -24.40 -17.45
HO2A FAD C . -6.04 -25.50 -15.70
H1B FAD C . -8.76 -25.37 -17.54
H8A FAD C . -5.54 -25.73 -19.05
H61A FAD C . -7.61 -30.46 -21.99
H62A FAD C . -6.37 -29.67 -21.68
H2A FAD C . -10.91 -28.56 -19.90
HN3 FAD C . -9.06 -10.76 -12.72
H6 FAD C . -9.60 -7.65 -18.63
HM71 FAD C . -10.44 -7.79 -21.91
HM72 FAD C . -8.91 -7.69 -22.06
HM73 FAD C . -9.63 -6.82 -21.02
HM81 FAD C . -10.01 -10.10 -22.69
HM82 FAD C . -9.16 -11.35 -22.39
HM83 FAD C . -8.47 -10.01 -22.69
H9 FAD C . -8.67 -11.78 -20.38
H1'1 FAD C . -9.04 -13.78 -17.28
H1'2 FAD C . -9.05 -13.39 -18.76
H2' FAD C . -6.78 -13.23 -17.20
HO2' FAD C . -6.03 -12.31 -18.88
H3' FAD C . -6.00 -15.13 -18.43
HO3' FAD C . -7.18 -15.69 -19.93
H4' FAD C . -8.00 -15.79 -16.63
HO4' FAD C . -6.15 -15.96 -15.34
H5'1 FAD C . -7.57 -17.68 -17.73
H5'2 FAD C . -6.87 -17.81 -16.38
PA NAI D . -18.55 -17.13 -8.40
O1A NAI D . -18.81 -18.56 -8.71
O2A NAI D . -17.90 -16.76 -7.12
O5B NAI D . -19.87 -16.31 -8.68
C5B NAI D . -19.91 -14.90 -8.40
C4B NAI D . -21.33 -14.35 -8.37
O4B NAI D . -21.84 -14.54 -9.70
C3B NAI D . -22.24 -15.24 -7.54
O3B NAI D . -22.22 -14.77 -6.20
C2B NAI D . -23.61 -14.93 -8.16
O2B NAI D . -24.11 -13.65 -7.79
C1B NAI D . -23.24 -14.76 -9.63
N9A NAI D . -23.51 -16.01 -10.34
C8A NAI D . -22.74 -17.15 -10.32
N7A NAI D . -23.28 -18.17 -10.94
C5A NAI D . -24.50 -17.67 -11.38
C6A NAI D . -25.56 -18.25 -12.09
N6A NAI D . -25.57 -19.51 -12.52
N1A NAI D . -26.67 -17.49 -12.32
C2A NAI D . -26.67 -16.21 -11.90
N3A NAI D . -25.73 -15.57 -11.21
C4A NAI D . -24.68 -16.36 -10.96
O3 NAI D . -17.60 -16.60 -9.55
PN NAI D . -16.07 -16.85 -9.94
O1N NAI D . -15.64 -18.08 -9.09
O2N NAI D . -15.31 -15.59 -9.79
O5D NAI D . -16.06 -17.17 -11.51
C5D NAI D . -16.92 -18.18 -12.07
C4D NAI D . -16.54 -18.39 -13.54
O4D NAI D . -16.77 -17.13 -14.22
C3D NAI D . -15.05 -18.66 -13.65
O3D NAI D . -14.92 -19.51 -14.81
C2D NAI D . -14.46 -17.28 -13.95
O2D NAI D . -13.36 -17.43 -14.84
C1D NAI D . -15.56 -16.65 -14.79
N1N NAI D . -15.56 -15.18 -14.66
C2N NAI D . -15.60 -14.40 -15.78
C3N NAI D . -15.60 -13.06 -15.71
C7N NAI D . -15.76 -12.33 -16.98
O7N NAI D . -15.82 -12.90 -18.09
N7N NAI D . -15.90 -11.00 -16.86
C4N NAI D . -15.66 -12.32 -14.41
C5N NAI D . -15.69 -13.28 -13.28
C6N NAI D . -15.63 -14.62 -13.42
H51A NAI D . -19.41 -14.43 -9.09
H52A NAI D . -19.50 -14.74 -7.54
H4B NAI D . -21.36 -13.42 -8.09
H3B NAI D . -22.01 -16.18 -7.62
HO3A NAI D . -22.21 -15.45 -5.69
H2B NAI D . -24.21 -15.66 -7.94
HO2A NAI D . -24.69 -13.76 -7.19
H1B NAI D . -23.68 -13.99 -10.04
H8A NAI D . -21.91 -17.19 -9.90
H61A NAI D . -26.24 -19.80 -12.97
H62A NAI D . -24.89 -20.02 -12.39
H2A NAI D . -27.43 -15.72 -12.11
H51N NAI D . -16.80 -19.02 -11.59
H52N NAI D . -17.85 -17.90 -12.00
H4D NAI D . -17.07 -19.07 -13.97
H3D NAI D . -14.66 -19.01 -12.85
HO3N NAI D . -14.10 -19.41 -15.05
H2D NAI D . -14.27 -16.81 -13.13
HO2N NAI D . -12.66 -17.18 -14.44
H1D NAI D . -15.49 -16.90 -15.72
H2N NAI D . -15.63 -14.82 -16.61
H71N NAI D . -15.96 -10.53 -17.59
H72N NAI D . -15.83 -10.60 -16.11
H4N NAI D . -16.46 -11.77 -14.39
H42N NAI D . -14.88 -11.74 -14.33
H5N NAI D . -15.75 -12.93 -12.42
H6N NAI D . -15.63 -15.16 -12.67
PA NAI E . -18.83 -28.51 -3.02
O1A NAI E . -18.14 -29.83 -3.09
O2A NAI E . -20.34 -28.58 -2.77
O5B NAI E . -18.55 -27.68 -4.34
C5B NAI E . -19.38 -27.84 -5.50
C4B NAI E . -18.61 -27.81 -6.78
O4B NAI E . -17.29 -27.28 -6.60
C3B NAI E . -18.29 -29.22 -7.27
O3B NAI E . -19.35 -29.58 -8.14
C2B NAI E . -17.05 -28.98 -8.15
O2B NAI E . -17.56 -29.05 -9.48
C1B NAI E . -16.79 -27.49 -7.90
N9A NAI E . -15.36 -27.13 -8.03
C8A NAI E . -14.92 -26.01 -8.70
N7A NAI E . -13.61 -25.93 -8.78
C5A NAI E . -13.16 -27.09 -8.17
C6A NAI E . -11.87 -27.59 -7.93
N6A NAI E . -10.74 -26.97 -8.30
N1A NAI E . -11.77 -28.77 -7.29
C2A NAI E . -12.88 -29.41 -6.91
N3A NAI E . -14.16 -29.04 -7.08
C4A NAI E . -14.23 -27.85 -7.71
O3 NAI E . -18.24 -27.52 -1.93
PN NAI E . -18.42 -25.98 -1.53
O1N NAI E . -17.26 -25.59 -0.61
O2N NAI E . -19.78 -25.73 -1.00
O5D NAI E . -18.25 -25.25 -2.92
C5D NAI E . -16.95 -24.95 -3.46
C4D NAI E . -17.07 -23.68 -4.26
O4D NAI E . -15.74 -23.23 -4.56
C3D NAI E . -17.71 -23.97 -5.63
O3D NAI E . -18.42 -22.79 -5.97
C2D NAI E . -16.50 -24.11 -6.55
O2D NAI E . -16.87 -23.62 -7.83
C1D NAI E . -15.60 -23.03 -5.96
N1N NAI E . -14.20 -23.25 -6.30
C2N NAI E . -13.55 -22.36 -7.08
C3N NAI E . -12.27 -22.55 -7.48
C7N NAI E . -11.64 -21.48 -8.24
O7N NAI E . -12.25 -20.44 -8.58
N7N NAI E . -10.36 -21.64 -8.58
C4N NAI E . -11.49 -23.76 -7.05
C5N NAI E . -12.33 -24.67 -6.23
C6N NAI E . -13.56 -24.37 -5.85
H51A NAI E . -20.04 -27.13 -5.51
H52A NAI E . -19.84 -28.70 -5.43
H4B NAI E . -19.09 -27.25 -7.42
H3B NAI E . -18.10 -29.83 -6.53
HO3A NAI E . -19.14 -30.32 -8.50
H2B NAI E . -16.29 -29.54 -7.94
HO2A NAI E . -17.40 -29.82 -9.78
H1B NAI E . -17.27 -26.91 -8.51
H8A NAI E . -15.49 -25.38 -9.07
H61A NAI E . -10.79 -26.21 -8.72
H62A NAI E . -9.97 -27.31 -8.13
H2A NAI E . -12.75 -30.22 -6.49
H51N NAI E . -16.31 -24.83 -2.75
H52N NAI E . -16.65 -25.68 -4.04
H4D NAI E . -17.54 -22.97 -3.80
H3D NAI E . -18.24 -24.80 -5.62
HO3N NAI E . -18.88 -22.57 -5.29
H2D NAI E . -16.12 -25.00 -6.54
HO2N NAI E . -17.40 -22.95 -7.70
H1D NAI E . -15.88 -22.14 -6.22
H2N NAI E . -14.00 -21.58 -7.35
H71N NAI E . -9.94 -22.36 -8.35
H72N NAI E . -9.95 -21.03 -9.03
H4N NAI E . -10.72 -23.47 -6.53
H42N NAI E . -11.18 -24.23 -7.84
H5N NAI E . -11.98 -25.49 -5.98
H6N NAI E . -14.01 -24.93 -5.25
NA NA F . -12.28 -11.40 1.60
NA NA G . -24.34 7.08 -0.21
S SO4 H . -11.55 -5.40 2.41
O1 SO4 H . -10.67 -6.28 3.22
O2 SO4 H . -11.73 -4.08 3.08
O3 SO4 H . -10.80 -5.29 1.10
O4 SO4 H . -12.89 -5.98 2.35
PA FAD I . 23.88 -3.68 4.34
O1A FAD I . 24.90 -4.62 4.93
O2A FAD I . 24.40 -2.46 3.65
O5B FAD I . 22.92 -4.47 3.42
C5B FAD I . 21.81 -3.81 2.76
C4B FAD I . 20.86 -4.81 2.24
O4B FAD I . 21.53 -5.56 1.20
C3B FAD I . 20.35 -5.82 3.27
O3B FAD I . 18.95 -6.00 3.12
C2B FAD I . 21.11 -7.09 2.90
O2B FAD I . 20.39 -8.23 3.31
C1B FAD I . 21.16 -6.92 1.39
N9A FAD I . 22.15 -7.75 0.74
C8A FAD I . 23.34 -8.18 1.24
N7A FAD I . 24.04 -8.91 0.40
C5A FAD I . 23.22 -9.01 -0.71
C6A FAD I . 23.36 -9.68 -1.95
N6A FAD I . 24.43 -10.41 -2.28
N1A FAD I . 22.36 -9.56 -2.84
C2A FAD I . 21.29 -8.82 -2.52
N3A FAD I . 21.04 -8.16 -1.38
C4A FAD I . 22.05 -8.30 -0.52
N1 FAD I . 18.72 3.94 7.74
C2 FAD I . 17.76 3.85 8.71
O2 FAD I . 17.23 2.78 9.02
N3 FAD I . 17.43 4.99 9.41
C4 FAD I . 17.92 6.24 9.20
O4 FAD I . 17.58 7.22 9.88
C4X FAD I . 18.92 6.32 8.20
N5 FAD I . 19.47 7.53 7.95
C5X FAD I . 20.44 7.60 6.94
C6 FAD I . 21.00 8.84 6.60
C7 FAD I . 21.97 8.96 5.60
C7M FAD I . 22.62 10.28 5.31
C8 FAD I . 22.35 7.81 4.88
C8M FAD I . 23.44 7.88 3.81
C9 FAD I . 21.80 6.58 5.21
C9A FAD I . 20.83 6.46 6.20
N10 FAD I . 20.21 5.22 6.50
C10 FAD I . 19.27 5.13 7.52
C1' FAD I . 20.66 3.95 5.88
C2' FAD I . 21.78 3.29 6.71
O2' FAD I . 22.97 4.08 6.69
C3' FAD I . 22.13 1.89 6.18
O3' FAD I . 22.37 1.97 4.79
C4' FAD I . 21.06 0.86 6.51
O4' FAD I . 20.94 0.81 7.94
C5' FAD I . 21.41 -0.49 5.93
O5' FAD I . 22.76 -0.83 6.25
P FAD I . 23.11 -2.31 6.78
O1P FAD I . 24.62 -2.28 7.06
O2P FAD I . 22.17 -2.80 7.83
O3P FAD I . 22.87 -3.21 5.47
H51A FAD I . 21.38 -3.25 3.37
H52A FAD I . 22.15 -3.30 2.05
H4B FAD I . 20.09 -4.39 1.87
H3B FAD I . 20.57 -5.55 4.15
HO3A FAD I . 18.63 -6.22 3.86
H2B FAD I . 22.00 -7.12 3.23
HO2A FAD I . 20.59 -8.43 4.10
H1B FAD I . 20.31 -7.10 1.01
H8A FAD I . 23.65 -7.94 2.09
H61A FAD I . 24.46 -10.79 -3.04
H62A FAD I . 25.07 -10.51 -1.71
H2A FAD I . 20.62 -8.78 -3.17
HN3 FAD I . 16.82 4.91 10.03
H6 FAD I . 20.63 9.51 7.15
HM71 FAD I . 23.55 10.19 5.38
HM72 FAD I . 22.40 10.55 4.43
HM73 FAD I . 22.32 10.92 5.92
HM81 FAD I . 24.29 7.85 4.23
HM82 FAD I . 23.35 7.15 3.23
HM83 FAD I . 23.36 8.68 3.33
H9 FAD I . 21.97 6.06 4.46
H1'1 FAD I . 19.93 3.37 5.81
H1'2 FAD I . 20.99 4.13 5.02
H2' FAD I . 21.45 3.21 7.58
HO2' FAD I . 23.22 4.26 7.47
H3' FAD I . 22.93 1.59 6.56
HO3' FAD I . 23.19 1.91 4.65
H4' FAD I . 20.23 1.13 6.18
HO4' FAD I . 20.54 0.09 8.13
H5'1 FAD I . 20.82 -1.14 6.27
H5'2 FAD I . 21.30 -0.45 4.99
PA NAI J . 7.21 0.31 3.91
O1A NAI J . 7.23 -0.77 2.88
O2A NAI J . 6.68 0.06 5.28
O5B NAI J . 6.46 1.59 3.23
C5B NAI J . 6.06 2.70 4.04
C4B NAI J . 5.13 3.57 3.24
O4B NAI J . 5.83 3.94 2.02
C3B NAI J . 3.97 2.77 2.68
O3B NAI J . 2.91 2.76 3.64
C2B NAI J . 3.54 3.64 1.51
O2B NAI J . 2.83 4.84 1.90
C1B NAI J . 4.90 4.14 0.99
N9A NAI J . 5.32 3.34 -0.16
C8A NAI J . 5.93 2.11 -0.17
N7A NAI J . 6.13 1.62 -1.38
C5A NAI J . 5.61 2.60 -2.22
C6A NAI J . 5.51 2.69 -3.62
N6A NAI J . 5.94 1.77 -4.47
N1A NAI J . 4.93 3.80 -4.13
C2A NAI J . 4.50 4.74 -3.29
N3A NAI J . 4.52 4.75 -1.95
C4A NAI J . 5.10 3.66 -1.47
O3 NAI J . 8.67 0.92 4.05
PN NAI J . 10.00 0.48 4.80
O1N NAI J . 9.86 -1.03 5.07
O2N NAI J . 10.32 1.30 5.97
O5D NAI J . 11.16 0.63 3.73
C5D NAI J . 11.09 -0.06 2.46
C4D NAI J . 12.43 0.16 1.79
O4D NAI J . 12.66 1.59 1.76
C3D NAI J . 13.54 -0.41 2.66
O3D NAI J . 14.54 -0.80 1.74
C2D NAI J . 14.06 0.81 3.41
O2D NAI J . 15.47 0.66 3.50
C1D NAI J . 13.89 1.90 2.37
N1N NAI J . 13.78 3.24 2.96
C2N NAI J . 14.53 4.26 2.48
C3N NAI J . 14.38 5.53 2.90
C7N NAI J . 15.15 6.56 2.19
O7N NAI J . 15.98 6.27 1.33
N7N NAI J . 14.92 7.86 2.51
C4N NAI J . 13.46 5.88 4.03
C5N NAI J . 12.69 4.68 4.46
C6N NAI J . 12.88 3.47 3.96
H51A NAI J . 6.85 3.21 4.29
H52A NAI J . 5.61 2.39 4.84
H4B NAI J . 4.84 4.35 3.74
H3B NAI J . 4.23 1.88 2.41
HO3A NAI J . 3.27 2.81 4.41
H2B NAI J . 3.04 3.09 0.89
HO2A NAI J . 2.03 4.76 1.65
H1B NAI J . 4.88 5.09 0.78
H8A NAI J . 6.17 1.66 0.60
H61A NAI J . 6.24 1.02 -4.17
H62A NAI J . 5.87 1.90 -5.31
H2A NAI J . 4.14 5.49 -3.68
H51N NAI J . 10.37 0.31 1.92
H52N NAI J . 10.93 -1.00 2.60
H4D NAI J . 12.46 -0.19 0.88
H3D NAI J . 13.21 -1.09 3.28
HO3N NAI J . 14.65 -1.65 1.86
H2D NAI J . 13.57 0.97 4.24
HO2N NAI J . 15.70 0.77 4.31
H1D NAI J . 14.62 1.89 1.72
H2N NAI J . 15.17 4.07 1.83
H71N NAI J . 14.34 8.05 3.13
H72N NAI J . 15.36 8.49 2.13
H4N NAI J . 12.84 6.58 3.73
H42N NAI J . 13.97 6.21 4.78
H5N NAI J . 12.02 4.80 5.11
H6N NAI J . 12.39 2.76 4.30
PA NAI K . -9.20 15.15 9.73
O1A NAI K . -10.34 14.54 9.02
O2A NAI K . -8.75 16.50 9.15
O5B NAI K . -7.92 14.18 9.76
C5B NAI K . -7.98 12.84 10.33
C4B NAI K . -6.61 12.21 10.18
O4B NAI K . -6.47 11.23 11.23
C3B NAI K . -6.53 11.41 8.87
O3B NAI K . -5.18 11.59 8.46
C2B NAI K . -6.68 9.96 9.33
O2B NAI K . -5.93 9.11 8.43
C1B NAI K . -5.96 10.04 10.67
N9A NAI K . -6.34 8.95 11.56
C8A NAI K . -7.52 8.26 11.61
N7A NAI K . -7.58 7.35 12.55
C5A NAI K . -6.36 7.46 13.19
C6A NAI K . -5.79 6.77 14.29
N6A NAI K . -6.43 5.82 14.96
N1A NAI K . -4.53 7.12 14.68
C2A NAI K . -3.91 8.11 14.01
N3A NAI K . -4.34 8.82 12.95
C4A NAI K . -5.58 8.44 12.59
O3 NAI K . -9.53 15.41 11.28
PN NAI K . -8.75 15.90 12.58
O1N NAI K . -7.29 15.45 12.43
O2N NAI K . -9.42 15.43 13.82
O5D NAI K . -8.81 17.48 12.52
C5D NAI K . -9.84 18.17 11.79
C4D NAI K . -10.43 19.33 12.58
O4D NAI K . -11.85 19.23 12.42
C3D NAI K . -10.14 19.21 14.07
O3D NAI K . -9.95 20.53 14.55
C2D NAI K . -11.46 18.72 14.68
O2D NAI K . -11.82 19.62 15.73
C1D NAI K . -12.52 19.04 13.64
N1N NAI K . -13.43 17.93 13.45
C2N NAI K . -14.73 18.05 13.81
C3N NAI K . -15.60 17.04 13.66
C7N NAI K . -16.96 17.27 14.19
O7N NAI K . -17.25 18.32 14.79
N7N NAI K . -17.85 16.30 14.02
C4N NAI K . -15.18 15.68 13.17
C5N NAI K . -13.73 15.67 12.87
C6N NAI K . -12.97 16.75 12.96
H51A NAI K . -8.23 12.90 11.27
H52A NAI K . -8.65 12.32 9.86
H4B NAI K . -5.89 12.85 10.25
H3B NAI K . -7.23 11.65 8.24
HO3A NAI K . -5.19 11.87 7.66
H2B NAI K . -7.61 9.67 9.43
HO2A NAI K . -5.78 9.58 7.75
H1B NAI K . -4.99 10.07 10.56
H8A NAI K . -8.22 8.43 11.01
H61A NAI K . -7.21 5.56 14.72
H62A NAI K . -6.02 5.42 15.62
H2A NAI K . -3.06 8.32 14.32
H51N NAI K . -10.56 17.54 11.58
H52N NAI K . -9.47 18.52 10.96
H4D NAI K . -10.13 20.19 12.27
H3D NAI K . -9.42 18.57 14.22
HO3N NAI K . -9.58 20.46 15.32
H2D NAI K . -11.38 17.77 14.88
HO2N NAI K . -11.37 19.42 16.42
H1D NAI K . -12.98 19.86 13.88
H2N NAI K . -15.03 18.87 14.15
H71N NAI K . -17.62 15.57 13.61
H72N NAI K . -18.65 16.38 14.32
H4N NAI K . -15.68 15.46 12.38
H42N NAI K . -15.37 15.02 13.86
H5N NAI K . -13.34 14.87 12.61
H6N NAI K . -12.09 16.70 12.67
O5D NAI L . -8.62 22.75 4.75
C5D NAI L . -8.28 21.48 5.34
C4D NAI L . -7.10 20.90 4.60
O4D NAI L . -5.92 21.73 4.83
C3D NAI L . -6.73 19.46 5.03
O3D NAI L . -6.52 18.60 3.91
C2D NAI L . -5.43 19.68 5.84
O2D NAI L . -4.56 18.56 5.73
C1D NAI L . -4.82 20.87 5.11
N1N NAI L . -3.82 21.60 5.89
C2N NAI L . -4.19 22.24 7.03
C3N NAI L . -3.30 22.93 7.78
C7N NAI L . -3.84 23.76 8.86
O7N NAI L . -5.07 23.84 9.06
N7N NAI L . -2.96 24.40 9.66
C4N NAI L . -1.81 22.91 7.47
C5N NAI L . -1.57 22.34 6.11
C6N NAI L . -2.53 21.65 5.44
NA NA M . 4.02 1.10 16.33
NA NA N . -3.08 21.98 14.55
S SO4 O . 3.77 6.04 19.84
O1 SO4 O . 5.27 6.24 19.57
O2 SO4 O . 3.15 7.17 20.65
O3 SO4 O . 2.97 5.96 18.63
O4 SO4 O . 3.62 4.75 20.51
#